data_3NT4
#
_entry.id   3NT4
#
_cell.length_a   184.368
_cell.length_b   184.368
_cell.length_c   184.368
_cell.angle_alpha   90.000
_cell.angle_beta   90.000
_cell.angle_gamma   90.000
#
_symmetry.space_group_name_H-M   'I 21 3'
#
loop_
_entity.id
_entity.type
_entity.pdbx_description
1 polymer 'Inositol 2-dehydrogenase/D-chiro-inositol 3-dehydrogenase'
2 non-polymer '1,4-DIHYDRONICOTINAMIDE ADENINE DINUCLEOTIDE'
3 non-polymer 1,2,3,4,5,6-HEXAHYDROXY-CYCLOHEXANE
4 water water
#
_entity_poly.entity_id   1
_entity_poly.type   'polypeptide(L)'
_entity_poly.pdbx_seq_one_letter_code
;MSLRIGVIGTGAIGKEHINRITNKLSGAEIVAVTDVNQEAAQKVVEQYQLNATVYPNDDSLLADENVDAVLVTSWGPAHE
SSVLKAIKAQKYVFCEKPLATTAEGCMRIVEEEIKVGKRLVQVGFMRRYDSGYVQLKEALDNHVIGEPLMIHCAHRNPTV
GDNYTTDMAVVDTLVHEIDVLHWLVNDDYESVQVIYPKKSKNALPHLKDPQIVVIETKGGIVINAEIYVNCKYGYDIQCE
IVGEDGIIKLPEPSSISLRKEGRFSTDILMDWQRRFVAAYDVEIQDFIDSIQKKGEVSGPTAWDGYIAAVTTDACVKAQE
SGQKEKVELKEKPEFYQSFTTVQN
;
_entity_poly.pdbx_strand_id   A,B
#
loop_
_chem_comp.id
_chem_comp.type
_chem_comp.name
_chem_comp.formula
INS non-polymer 1,2,3,4,5,6-HEXAHYDROXY-CYCLOHEXANE 'C6 H12 O6'
NAI non-polymer '1,4-DIHYDRONICOTINAMIDE ADENINE DINUCLEOTIDE' 'C21 H29 N7 O14 P2'
#
# COMPACT_ATOMS: atom_id res chain seq x y z
N MET A 1 11.71 -38.64 -28.17
CA MET A 1 12.95 -38.78 -27.41
C MET A 1 13.11 -37.64 -26.41
N SER A 2 13.31 -37.99 -25.14
CA SER A 2 13.24 -37.01 -24.05
C SER A 2 14.57 -36.34 -23.68
N LEU A 3 14.45 -35.17 -23.06
CA LEU A 3 15.60 -34.40 -22.60
C LEU A 3 16.19 -35.06 -21.36
N ARG A 4 17.50 -35.34 -21.41
CA ARG A 4 18.17 -36.06 -20.34
C ARG A 4 18.83 -35.12 -19.34
N ILE A 5 18.32 -35.12 -18.12
CA ILE A 5 18.61 -34.07 -17.15
C ILE A 5 19.40 -34.55 -15.95
N GLY A 6 20.46 -33.81 -15.62
CA GLY A 6 21.26 -34.07 -14.44
C GLY A 6 20.99 -33.06 -13.35
N VAL A 7 20.75 -33.55 -12.14
CA VAL A 7 20.41 -32.70 -11.01
C VAL A 7 21.56 -32.51 -10.02
N ILE A 8 22.08 -31.29 -9.94
CA ILE A 8 23.13 -30.96 -8.97
C ILE A 8 22.51 -30.39 -7.71
N GLY A 9 22.51 -31.17 -6.63
CA GLY A 9 21.89 -30.75 -5.39
C GLY A 9 20.57 -31.45 -5.20
N THR A 10 20.57 -32.51 -4.41
CA THR A 10 19.39 -33.34 -4.25
C THR A 10 18.75 -33.15 -2.89
N GLY A 11 18.51 -31.88 -2.53
CA GLY A 11 17.83 -31.55 -1.29
C GLY A 11 16.32 -31.52 -1.45
N ALA A 12 15.66 -30.73 -0.60
CA ALA A 12 14.20 -30.65 -0.63
C ALA A 12 13.65 -30.13 -1.96
N ILE A 13 14.24 -29.06 -2.48
CA ILE A 13 13.77 -28.48 -3.73
C ILE A 13 14.22 -29.29 -4.95
N GLY A 14 15.43 -29.84 -4.89
CA GLY A 14 15.94 -30.67 -5.96
C GLY A 14 15.07 -31.91 -6.09
N LYS A 15 14.60 -32.43 -4.96
CA LYS A 15 13.73 -33.59 -4.94
C LYS A 15 12.36 -33.31 -5.55
N GLU A 16 11.81 -32.13 -5.26
CA GLU A 16 10.54 -31.75 -5.85
C GLU A 16 10.60 -31.59 -7.36
N HIS A 17 11.71 -31.02 -7.84
CA HIS A 17 11.93 -30.93 -9.27
C HIS A 17 12.14 -32.31 -9.91
N ILE A 18 12.78 -33.20 -9.15
CA ILE A 18 12.99 -34.56 -9.63
C ILE A 18 11.66 -35.29 -9.72
N ASN A 19 10.81 -35.06 -8.73
CA ASN A 19 9.50 -35.68 -8.67
C ASN A 19 8.56 -35.22 -9.78
N ARG A 20 8.53 -33.91 -10.04
CA ARG A 20 7.63 -33.40 -11.07
C ARG A 20 8.09 -33.82 -12.45
N ILE A 21 9.39 -33.73 -12.69
CA ILE A 21 9.97 -34.16 -13.96
C ILE A 21 9.74 -35.65 -14.18
N THR A 22 9.58 -36.40 -13.10
CA THR A 22 9.46 -37.85 -13.21
C THR A 22 8.00 -38.34 -13.26
N ASN A 23 7.13 -37.69 -12.51
CA ASN A 23 5.76 -38.21 -12.35
C ASN A 23 4.64 -37.24 -12.73
N LYS A 24 4.99 -36.08 -13.25
CA LYS A 24 3.97 -35.08 -13.58
C LYS A 24 4.15 -34.44 -14.94
N LEU A 25 5.37 -34.03 -15.26
CA LEU A 25 5.62 -33.33 -16.52
C LEU A 25 5.82 -34.31 -17.69
N SER A 26 6.30 -33.79 -18.82
CA SER A 26 6.39 -34.57 -20.05
C SER A 26 7.61 -34.21 -20.87
N GLY A 27 8.29 -35.24 -21.37
CA GLY A 27 9.37 -35.05 -22.33
C GLY A 27 10.76 -34.92 -21.76
N ALA A 28 11.00 -35.50 -20.59
CA ALA A 28 12.31 -35.43 -19.95
C ALA A 28 12.47 -36.47 -18.85
N GLU A 29 13.71 -36.76 -18.49
CA GLU A 29 14.00 -37.70 -17.43
C GLU A 29 15.32 -37.39 -16.75
N ILE A 30 15.49 -37.88 -15.54
CA ILE A 30 16.73 -37.67 -14.79
C ILE A 30 17.71 -38.83 -14.99
N VAL A 31 18.88 -38.52 -15.54
CA VAL A 31 19.86 -39.55 -15.89
C VAL A 31 21.12 -39.44 -15.02
N ALA A 32 21.27 -38.33 -14.32
CA ALA A 32 22.44 -38.11 -13.48
C ALA A 32 22.12 -37.23 -12.27
N VAL A 33 22.74 -37.54 -11.12
CA VAL A 33 22.59 -36.74 -9.93
C VAL A 33 23.94 -36.58 -9.21
N THR A 34 23.99 -35.68 -8.24
CA THR A 34 25.19 -35.49 -7.42
C THR A 34 24.86 -34.58 -6.26
N ASP A 35 25.29 -34.96 -5.06
CA ASP A 35 25.07 -34.15 -3.88
C ASP A 35 26.30 -34.11 -2.98
N VAL A 36 26.44 -33.03 -2.23
CA VAL A 36 27.51 -32.91 -1.24
C VAL A 36 27.42 -34.06 -0.25
N ASN A 37 26.19 -34.48 0.04
CA ASN A 37 25.95 -35.70 0.81
C ASN A 37 25.67 -36.85 -0.16
N GLN A 38 26.72 -37.39 -0.76
CA GLN A 38 26.59 -38.41 -1.80
C GLN A 38 25.65 -39.56 -1.42
N GLU A 39 25.61 -39.90 -0.13
CA GLU A 39 24.69 -40.93 0.33
C GLU A 39 23.24 -40.52 0.08
N ALA A 40 22.92 -39.26 0.37
CA ALA A 40 21.57 -38.75 0.18
C ALA A 40 21.13 -38.77 -1.29
N ALA A 41 22.09 -38.56 -2.18
CA ALA A 41 21.83 -38.64 -3.62
C ALA A 41 21.45 -40.06 -4.03
N GLN A 42 22.12 -41.04 -3.42
CA GLN A 42 21.87 -42.44 -3.73
C GLN A 42 20.44 -42.84 -3.31
N LYS A 43 19.99 -42.29 -2.19
CA LYS A 43 18.65 -42.58 -1.70
C LYS A 43 17.58 -42.01 -2.63
N VAL A 44 17.80 -40.78 -3.09
CA VAL A 44 16.86 -40.15 -4.02
C VAL A 44 16.61 -41.05 -5.22
N VAL A 45 17.71 -41.54 -5.82
CA VAL A 45 17.63 -42.44 -6.96
C VAL A 45 16.78 -43.68 -6.69
N GLU A 46 16.92 -44.24 -5.50
CA GLU A 46 16.08 -45.38 -5.11
C GLU A 46 14.66 -44.90 -4.85
N GLN A 47 14.53 -43.86 -4.05
CA GLN A 47 13.24 -43.27 -3.71
C GLN A 47 12.38 -43.05 -4.97
N TYR A 48 13.01 -42.51 -6.02
CA TYR A 48 12.28 -42.17 -7.23
C TYR A 48 12.49 -43.15 -8.39
N GLN A 49 13.07 -44.31 -8.09
CA GLN A 49 13.26 -45.34 -9.11
C GLN A 49 13.96 -44.85 -10.36
N LEU A 50 14.90 -43.93 -10.21
CA LEU A 50 15.55 -43.33 -11.38
C LEU A 50 16.47 -44.32 -12.09
N ASN A 51 16.73 -44.05 -13.37
CA ASN A 51 17.78 -44.72 -14.12
C ASN A 51 18.95 -43.75 -14.28
N ALA A 52 19.57 -43.38 -13.17
CA ALA A 52 20.58 -42.33 -13.20
C ALA A 52 21.91 -42.72 -12.60
N THR A 53 22.96 -42.07 -13.08
CA THR A 53 24.31 -42.20 -12.54
C THR A 53 24.46 -41.30 -11.33
N VAL A 54 25.11 -41.80 -10.28
CA VAL A 54 25.37 -40.98 -9.09
C VAL A 54 26.83 -40.53 -9.04
N TYR A 55 27.11 -39.35 -9.60
CA TYR A 55 28.47 -38.81 -9.59
C TYR A 55 28.89 -38.25 -8.25
N PRO A 56 30.20 -38.09 -8.03
CA PRO A 56 30.74 -37.57 -6.78
C PRO A 56 30.73 -36.05 -6.77
N ASN A 57 30.66 -35.44 -7.95
CA ASN A 57 30.64 -33.98 -8.06
C ASN A 57 30.12 -33.46 -9.40
N ASP A 58 29.96 -32.15 -9.50
CA ASP A 58 29.42 -31.53 -10.70
C ASP A 58 30.33 -31.64 -11.93
N ASP A 59 31.64 -31.70 -11.71
CA ASP A 59 32.60 -31.87 -12.81
C ASP A 59 32.38 -33.22 -13.48
N SER A 60 32.26 -34.26 -12.66
CA SER A 60 32.03 -35.61 -13.14
C SER A 60 30.72 -35.66 -13.91
N LEU A 61 29.67 -35.14 -13.29
CA LEU A 61 28.33 -35.19 -13.87
C LEU A 61 28.26 -34.41 -15.18
N LEU A 62 28.88 -33.23 -15.20
CA LEU A 62 28.92 -32.42 -16.42
C LEU A 62 29.76 -33.08 -17.50
N ALA A 63 30.66 -33.96 -17.09
CA ALA A 63 31.51 -34.69 -18.02
C ALA A 63 30.69 -35.71 -18.81
N ASP A 64 29.69 -36.29 -18.17
CA ASP A 64 28.82 -37.27 -18.81
C ASP A 64 28.15 -36.67 -20.05
N GLU A 65 28.33 -37.31 -21.20
CA GLU A 65 27.83 -36.79 -22.46
C GLU A 65 26.34 -37.06 -22.67
N ASN A 66 25.81 -38.11 -22.03
CA ASN A 66 24.41 -38.45 -22.21
C ASN A 66 23.46 -37.56 -21.41
N VAL A 67 24.02 -36.61 -20.65
CA VAL A 67 23.22 -35.56 -20.03
C VAL A 67 23.37 -34.30 -20.88
N ASP A 68 22.25 -33.63 -21.15
CA ASP A 68 22.27 -32.46 -22.02
C ASP A 68 21.70 -31.20 -21.37
N ALA A 69 21.22 -31.34 -20.14
CA ALA A 69 20.74 -30.20 -19.37
C ALA A 69 20.75 -30.52 -17.89
N VAL A 70 21.03 -29.51 -17.07
CA VAL A 70 21.15 -29.74 -15.63
C VAL A 70 20.33 -28.76 -14.79
N LEU A 71 19.90 -29.25 -13.63
CA LEU A 71 19.21 -28.44 -12.64
C LEU A 71 20.16 -28.14 -11.49
N VAL A 72 20.50 -26.86 -11.31
CA VAL A 72 21.33 -26.47 -10.17
C VAL A 72 20.45 -26.12 -8.97
N THR A 73 20.31 -27.06 -8.04
CA THR A 73 19.43 -26.88 -6.90
C THR A 73 20.13 -27.23 -5.58
N SER A 74 21.36 -26.74 -5.42
CA SER A 74 22.15 -27.05 -4.23
C SER A 74 22.12 -25.91 -3.23
N TRP A 75 22.96 -26.01 -2.20
CA TRP A 75 23.09 -24.97 -1.20
C TRP A 75 23.41 -23.64 -1.88
N GLY A 76 22.59 -22.63 -1.59
CA GLY A 76 22.67 -21.33 -2.25
C GLY A 76 24.04 -20.87 -2.74
N PRO A 77 24.99 -20.75 -1.81
CA PRO A 77 26.34 -20.27 -2.11
C PRO A 77 27.11 -21.13 -3.11
N ALA A 78 26.64 -22.35 -3.35
CA ALA A 78 27.31 -23.28 -4.26
C ALA A 78 26.88 -23.05 -5.71
N HIS A 79 25.67 -22.54 -5.88
CA HIS A 79 25.08 -22.30 -7.20
C HIS A 79 26.10 -21.76 -8.20
N GLU A 80 26.61 -20.57 -7.94
CA GLU A 80 27.54 -19.90 -8.84
C GLU A 80 28.58 -20.84 -9.48
N SER A 81 29.19 -21.70 -8.66
CA SER A 81 30.24 -22.58 -9.14
C SER A 81 29.76 -23.52 -10.24
N SER A 82 28.69 -24.26 -9.96
CA SER A 82 28.14 -25.22 -10.90
C SER A 82 27.68 -24.57 -12.20
N VAL A 83 27.08 -23.40 -12.10
CA VAL A 83 26.58 -22.69 -13.28
C VAL A 83 27.69 -22.36 -14.27
N LEU A 84 28.84 -21.91 -13.74
CA LEU A 84 29.99 -21.60 -14.57
C LEU A 84 30.50 -22.85 -15.27
N LYS A 85 30.62 -23.93 -14.52
CA LYS A 85 31.07 -25.19 -15.07
C LYS A 85 30.13 -25.66 -16.17
N ALA A 86 28.83 -25.64 -15.88
CA ALA A 86 27.82 -26.09 -16.83
C ALA A 86 27.89 -25.32 -18.14
N ILE A 87 28.11 -24.02 -18.06
CA ILE A 87 28.22 -23.17 -19.24
C ILE A 87 29.41 -23.57 -20.11
N LYS A 88 30.56 -23.77 -19.48
CA LYS A 88 31.76 -24.15 -20.19
C LYS A 88 31.67 -25.58 -20.73
N ALA A 89 30.91 -26.43 -20.05
CA ALA A 89 30.62 -27.77 -20.56
C ALA A 89 29.56 -27.68 -21.65
N GLN A 90 29.03 -26.48 -21.84
CA GLN A 90 28.03 -26.21 -22.88
C GLN A 90 26.73 -27.00 -22.71
N LYS A 91 26.26 -27.09 -21.46
CA LYS A 91 24.99 -27.73 -21.16
C LYS A 91 23.93 -26.68 -20.82
N TYR A 92 22.66 -27.06 -20.96
CA TYR A 92 21.57 -26.19 -20.53
C TYR A 92 21.45 -26.23 -19.01
N VAL A 93 21.21 -25.08 -18.39
CA VAL A 93 21.14 -25.02 -16.94
C VAL A 93 19.93 -24.25 -16.41
N PHE A 94 19.18 -24.89 -15.53
CA PHE A 94 18.13 -24.25 -14.76
C PHE A 94 18.61 -24.03 -13.34
N CYS A 95 18.85 -22.77 -12.97
CA CYS A 95 19.39 -22.48 -11.66
C CYS A 95 18.37 -21.82 -10.75
N GLU A 96 18.06 -22.48 -9.63
CA GLU A 96 17.23 -21.88 -8.60
C GLU A 96 17.91 -20.62 -8.08
N LYS A 97 17.14 -19.69 -7.53
CA LYS A 97 17.75 -18.49 -6.93
C LYS A 97 18.47 -18.88 -5.65
N PRO A 98 19.61 -18.22 -5.37
CA PRO A 98 20.21 -17.16 -6.18
C PRO A 98 21.02 -17.72 -7.35
N LEU A 99 21.18 -16.93 -8.40
CA LEU A 99 22.11 -17.28 -9.48
C LEU A 99 23.53 -17.26 -8.92
N ALA A 100 23.76 -16.31 -8.02
CA ALA A 100 25.03 -16.17 -7.30
C ALA A 100 24.79 -15.22 -6.14
N THR A 101 25.59 -15.34 -5.09
CA THR A 101 25.38 -14.51 -3.90
C THR A 101 25.89 -13.08 -4.05
N THR A 102 26.72 -12.85 -5.06
CA THR A 102 27.29 -11.53 -5.29
C THR A 102 27.02 -11.03 -6.71
N ALA A 103 26.98 -9.71 -6.87
CA ALA A 103 26.79 -9.10 -8.18
C ALA A 103 27.92 -9.52 -9.13
N GLU A 104 29.12 -9.63 -8.57
CA GLU A 104 30.29 -10.07 -9.33
C GLU A 104 30.10 -11.50 -9.82
N GLY A 105 29.65 -12.36 -8.93
CA GLY A 105 29.37 -13.75 -9.27
C GLY A 105 28.44 -13.83 -10.47
N CYS A 106 27.41 -12.99 -10.48
CA CYS A 106 26.47 -12.96 -11.60
C CYS A 106 27.15 -12.45 -12.87
N MET A 107 27.97 -11.42 -12.75
CA MET A 107 28.69 -10.88 -13.91
C MET A 107 29.56 -11.93 -14.58
N ARG A 108 30.25 -12.73 -13.78
CA ARG A 108 31.10 -13.79 -14.33
C ARG A 108 30.25 -14.75 -15.16
N ILE A 109 29.04 -15.01 -14.71
CA ILE A 109 28.14 -15.95 -15.38
C ILE A 109 27.54 -15.36 -16.66
N VAL A 110 27.20 -14.08 -16.62
CA VAL A 110 26.73 -13.38 -17.80
C VAL A 110 27.83 -13.38 -18.87
N GLU A 111 29.03 -12.96 -18.46
CA GLU A 111 30.16 -12.86 -19.38
C GLU A 111 30.55 -14.21 -19.98
N GLU A 112 30.33 -15.28 -19.24
CA GLU A 112 30.58 -16.61 -19.77
C GLU A 112 29.53 -17.02 -20.80
N GLU A 113 28.27 -16.67 -20.53
CA GLU A 113 27.18 -17.04 -21.42
C GLU A 113 27.25 -16.29 -22.75
N ILE A 114 27.57 -15.00 -22.68
CA ILE A 114 27.66 -14.18 -23.88
C ILE A 114 28.68 -14.77 -24.85
N LYS A 115 29.68 -15.45 -24.30
CA LYS A 115 30.68 -16.15 -25.12
C LYS A 115 30.03 -17.30 -25.88
N VAL A 116 29.42 -18.23 -25.14
CA VAL A 116 28.87 -19.45 -25.71
C VAL A 116 27.72 -19.21 -26.71
N GLY A 117 27.48 -17.94 -27.03
CA GLY A 117 26.62 -17.60 -28.15
C GLY A 117 25.12 -17.57 -27.90
N LYS A 118 24.60 -18.54 -27.17
CA LYS A 118 23.16 -18.60 -26.93
C LYS A 118 22.77 -18.71 -25.46
N ARG A 119 21.47 -18.73 -25.19
CA ARG A 119 20.97 -18.82 -23.83
C ARG A 119 20.95 -20.26 -23.34
N LEU A 120 21.70 -20.50 -22.26
CA LEU A 120 21.75 -21.81 -21.63
C LEU A 120 21.19 -21.70 -20.23
N VAL A 121 21.23 -20.50 -19.67
CA VAL A 121 20.81 -20.24 -18.30
C VAL A 121 19.39 -19.70 -18.16
N GLN A 122 18.55 -20.43 -17.46
CA GLN A 122 17.25 -19.94 -17.02
C GLN A 122 17.22 -19.95 -15.49
N VAL A 123 16.86 -18.80 -14.89
CA VAL A 123 16.80 -18.69 -13.45
C VAL A 123 15.39 -18.98 -12.92
N GLY A 124 15.32 -19.69 -11.80
CA GLY A 124 14.06 -20.17 -11.26
C GLY A 124 13.17 -19.15 -10.56
N PHE A 125 12.94 -18.01 -11.22
CA PHE A 125 11.95 -17.06 -10.74
C PHE A 125 10.58 -17.48 -11.27
N MET A 126 9.90 -18.32 -10.51
CA MET A 126 8.69 -19.00 -10.99
C MET A 126 7.45 -18.12 -11.08
N ARG A 127 7.44 -17.00 -10.35
CA ARG A 127 6.27 -16.13 -10.34
C ARG A 127 5.84 -15.69 -11.74
N ARG A 128 6.81 -15.52 -12.63
CA ARG A 128 6.51 -15.12 -14.01
C ARG A 128 5.58 -16.12 -14.69
N TYR A 129 5.45 -17.30 -14.11
CA TYR A 129 4.66 -18.37 -14.72
C TYR A 129 3.32 -18.57 -14.01
N ASP A 130 3.12 -17.86 -12.91
CA ASP A 130 1.86 -17.95 -12.17
C ASP A 130 0.75 -17.28 -12.97
N SER A 131 -0.43 -17.90 -12.99
CA SER A 131 -1.51 -17.45 -13.86
C SER A 131 -1.99 -16.04 -13.52
N GLY A 132 -1.95 -15.69 -12.24
CA GLY A 132 -2.30 -14.36 -11.81
C GLY A 132 -1.34 -13.33 -12.37
N TYR A 133 -0.04 -13.52 -12.13
CA TYR A 133 0.98 -12.60 -12.64
C TYR A 133 0.98 -12.53 -14.15
N VAL A 134 0.64 -13.64 -14.79
CA VAL A 134 0.56 -13.67 -16.26
C VAL A 134 -0.54 -12.75 -16.74
N GLN A 135 -1.64 -12.71 -15.99
CA GLN A 135 -2.78 -11.85 -16.33
C GLN A 135 -2.46 -10.37 -16.16
N LEU A 136 -1.79 -10.03 -15.06
CA LEU A 136 -1.34 -8.66 -14.84
C LEU A 136 -0.51 -8.21 -16.03
N LYS A 137 0.43 -9.07 -16.45
CA LYS A 137 1.30 -8.78 -17.57
C LYS A 137 0.50 -8.50 -18.84
N GLU A 138 -0.43 -9.38 -19.14
CA GLU A 138 -1.30 -9.21 -20.31
C GLU A 138 -2.02 -7.87 -20.31
N ALA A 139 -2.58 -7.50 -19.15
CA ALA A 139 -3.29 -6.23 -19.02
C ALA A 139 -2.36 -5.06 -19.30
N LEU A 140 -1.20 -5.06 -18.63
CA LEU A 140 -0.23 -3.98 -18.82
C LEU A 140 0.25 -3.89 -20.26
N ASP A 141 0.55 -5.04 -20.86
CA ASP A 141 1.00 -5.08 -22.25
C ASP A 141 -0.08 -4.64 -23.22
N ASN A 142 -1.32 -4.61 -22.75
CA ASN A 142 -2.45 -4.14 -23.54
C ASN A 142 -2.86 -2.72 -23.18
N HIS A 143 -2.04 -2.07 -22.36
CA HIS A 143 -2.26 -0.68 -21.96
C HIS A 143 -3.60 -0.47 -21.25
N VAL A 144 -4.16 -1.55 -20.74
CA VAL A 144 -5.48 -1.50 -20.09
C VAL A 144 -5.62 -0.35 -19.10
N ILE A 145 -4.58 -0.10 -18.31
CA ILE A 145 -4.64 0.94 -17.28
C ILE A 145 -3.72 2.12 -17.57
N GLY A 146 -3.30 2.26 -18.82
CA GLY A 146 -2.37 3.31 -19.20
C GLY A 146 -0.99 3.10 -18.59
N GLU A 147 -0.33 4.20 -18.23
CA GLU A 147 1.01 4.13 -17.69
C GLU A 147 1.01 3.82 -16.19
N PRO A 148 1.70 2.74 -15.81
CA PRO A 148 1.87 2.40 -14.39
C PRO A 148 2.54 3.55 -13.65
N LEU A 149 2.05 3.87 -12.46
CA LEU A 149 2.58 5.02 -11.72
C LEU A 149 3.11 4.59 -10.35
N MET A 150 2.42 3.66 -9.72
CA MET A 150 2.80 3.17 -8.40
C MET A 150 2.51 1.68 -8.27
N ILE A 151 3.10 1.05 -7.25
CA ILE A 151 2.84 -0.34 -6.97
C ILE A 151 2.82 -0.59 -5.47
N HIS A 152 1.74 -1.18 -4.97
CA HIS A 152 1.68 -1.59 -3.58
C HIS A 152 1.65 -3.10 -3.54
N CYS A 153 2.55 -3.69 -2.75
CA CYS A 153 2.58 -5.15 -2.65
C CYS A 153 3.09 -5.59 -1.30
N ALA A 154 2.75 -6.82 -0.95
CA ALA A 154 3.09 -7.37 0.36
C ALA A 154 3.52 -8.82 0.22
N HIS A 155 4.41 -9.24 1.12
CA HIS A 155 4.88 -10.61 1.18
C HIS A 155 4.89 -11.03 2.63
N ARG A 156 3.95 -11.87 3.03
CA ARG A 156 3.77 -12.21 4.44
C ARG A 156 3.90 -13.71 4.73
N ASN A 157 4.60 -14.03 5.83
CA ASN A 157 4.69 -15.41 6.31
C ASN A 157 4.08 -15.52 7.70
N PRO A 158 3.48 -16.67 8.02
CA PRO A 158 2.92 -16.87 9.35
C PRO A 158 4.00 -16.71 10.41
N THR A 159 5.12 -17.40 10.20
CA THR A 159 6.25 -17.31 11.11
C THR A 159 7.53 -17.73 10.38
N VAL A 160 8.66 -17.65 11.08
CA VAL A 160 9.94 -18.08 10.53
C VAL A 160 10.70 -18.92 11.54
N GLY A 161 11.93 -19.28 11.19
CA GLY A 161 12.76 -20.07 12.07
C GLY A 161 13.61 -19.23 12.99
N ASP A 162 14.24 -19.88 13.97
CA ASP A 162 15.16 -19.19 14.86
C ASP A 162 16.33 -18.64 14.06
N ASN A 163 16.62 -19.34 12.95
CA ASN A 163 17.73 -19.00 12.08
C ASN A 163 17.51 -17.80 11.18
N TYR A 164 16.25 -17.41 10.98
CA TYR A 164 15.90 -16.32 10.06
C TYR A 164 16.37 -14.97 10.58
N THR A 165 17.15 -14.26 9.77
CA THR A 165 17.77 -13.00 10.17
C THR A 165 17.33 -11.81 9.33
N THR A 166 17.56 -10.61 9.87
CA THR A 166 17.08 -9.37 9.25
C THR A 166 17.41 -9.19 7.78
N ASP A 167 18.63 -9.58 7.39
CA ASP A 167 19.04 -9.41 6.00
C ASP A 167 18.33 -10.39 5.06
N MET A 168 17.83 -11.49 5.61
CA MET A 168 17.19 -12.52 4.79
C MET A 168 15.88 -12.03 4.16
N ALA A 169 15.27 -11.04 4.79
CA ALA A 169 14.00 -10.49 4.31
C ALA A 169 14.11 -9.88 2.92
N VAL A 170 15.32 -9.45 2.55
CA VAL A 170 15.52 -8.80 1.25
C VAL A 170 16.28 -9.68 0.26
N VAL A 171 16.99 -10.68 0.77
CA VAL A 171 17.82 -11.52 -0.10
C VAL A 171 17.12 -12.81 -0.48
N ASP A 172 16.35 -13.37 0.46
CA ASP A 172 15.63 -14.61 0.21
C ASP A 172 14.16 -14.35 -0.08
N THR A 173 13.59 -13.40 0.64
CA THR A 173 12.15 -13.20 0.62
C THR A 173 11.69 -12.20 -0.45
N LEU A 174 12.22 -10.99 -0.39
CA LEU A 174 11.79 -9.93 -1.31
C LEU A 174 12.36 -10.12 -2.71
N VAL A 175 13.20 -11.13 -2.88
CA VAL A 175 13.89 -11.34 -4.14
C VAL A 175 12.94 -11.70 -5.29
N HIS A 176 11.81 -12.33 -4.96
CA HIS A 176 10.82 -12.69 -5.98
C HIS A 176 10.09 -11.46 -6.51
N GLU A 177 9.64 -10.60 -5.58
CA GLU A 177 9.04 -9.34 -5.96
C GLU A 177 10.01 -8.51 -6.78
N ILE A 178 11.28 -8.54 -6.37
CA ILE A 178 12.32 -7.78 -7.05
C ILE A 178 12.42 -8.19 -8.52
N ASP A 179 12.27 -9.47 -8.80
CA ASP A 179 12.34 -9.95 -10.17
C ASP A 179 11.06 -9.69 -10.95
N VAL A 180 9.91 -10.02 -10.37
CA VAL A 180 8.67 -9.96 -11.12
C VAL A 180 8.20 -8.54 -11.43
N LEU A 181 8.44 -7.62 -10.51
CA LEU A 181 7.95 -6.26 -10.67
C LEU A 181 8.55 -5.56 -11.88
N HIS A 182 9.87 -5.59 -12.01
CA HIS A 182 10.50 -4.91 -13.13
C HIS A 182 10.24 -5.67 -14.44
N TRP A 183 9.99 -6.97 -14.33
CA TRP A 183 9.56 -7.74 -15.50
C TRP A 183 8.19 -7.27 -15.99
N LEU A 184 7.26 -7.08 -15.05
CA LEU A 184 5.91 -6.64 -15.36
C LEU A 184 5.88 -5.28 -16.05
N VAL A 185 6.63 -4.33 -15.50
CA VAL A 185 6.55 -2.94 -15.95
C VAL A 185 7.66 -2.55 -16.93
N ASN A 186 8.58 -3.47 -17.16
CA ASN A 186 9.64 -3.23 -18.13
C ASN A 186 10.41 -1.95 -17.83
N ASP A 187 10.92 -1.85 -16.61
CA ASP A 187 11.67 -0.68 -16.17
C ASP A 187 12.71 -1.09 -15.16
N ASP A 188 13.84 -0.37 -15.13
CA ASP A 188 14.94 -0.71 -14.24
C ASP A 188 14.93 0.12 -12.97
N TYR A 189 15.41 -0.46 -11.88
CA TYR A 189 15.41 0.22 -10.59
C TYR A 189 16.48 1.31 -10.50
N GLU A 190 16.20 2.32 -9.71
CA GLU A 190 17.06 3.50 -9.62
C GLU A 190 17.47 3.79 -8.18
N SER A 191 16.63 3.41 -7.22
CA SER A 191 16.95 3.60 -5.81
C SER A 191 16.08 2.74 -4.91
N VAL A 192 16.60 2.42 -3.72
CA VAL A 192 15.83 1.70 -2.71
C VAL A 192 16.01 2.33 -1.35
N GLN A 193 15.04 2.11 -0.46
CA GLN A 193 15.06 2.72 0.86
C GLN A 193 14.24 1.90 1.83
N VAL A 194 14.84 1.56 2.96
CA VAL A 194 14.17 0.71 3.94
C VAL A 194 13.65 1.51 5.13
N ILE A 195 12.44 1.17 5.58
CA ILE A 195 11.83 1.81 6.74
C ILE A 195 11.31 0.74 7.70
N TYR A 196 11.73 0.82 8.96
CA TYR A 196 11.31 -0.16 9.96
C TYR A 196 10.18 0.38 10.82
N PRO A 197 9.06 -0.35 10.87
CA PRO A 197 7.97 0.00 11.79
C PRO A 197 8.18 -0.65 13.15
N LYS A 198 7.34 -0.31 14.10
CA LYS A 198 7.31 -0.97 15.41
C LYS A 198 7.51 -2.47 15.26
N LYS A 199 8.50 -3.04 15.94
CA LYS A 199 8.75 -4.48 15.86
C LYS A 199 7.51 -5.26 16.27
N SER A 200 7.38 -6.46 15.75
CA SER A 200 6.22 -7.30 16.06
C SER A 200 6.53 -8.29 17.17
N LYS A 201 5.56 -8.49 18.06
CA LYS A 201 5.72 -9.40 19.18
C LYS A 201 6.02 -10.81 18.71
N ASN A 202 5.60 -11.13 17.48
CA ASN A 202 5.76 -12.47 16.93
C ASN A 202 7.18 -12.74 16.47
N ALA A 203 7.92 -11.68 16.19
CA ALA A 203 9.31 -11.79 15.77
C ALA A 203 10.22 -11.90 16.99
N LEU A 204 11.16 -12.84 16.92
CA LEU A 204 12.20 -12.97 17.93
C LEU A 204 12.97 -11.65 18.02
N PRO A 205 13.69 -11.42 19.14
CA PRO A 205 14.36 -10.14 19.37
C PRO A 205 15.38 -9.76 18.30
N HIS A 206 16.14 -10.73 17.81
CA HIS A 206 17.21 -10.46 16.85
C HIS A 206 16.72 -10.03 15.47
N LEU A 207 15.49 -10.41 15.14
CA LEU A 207 14.93 -10.13 13.82
C LEU A 207 14.19 -8.80 13.77
N LYS A 208 14.38 -8.06 12.67
CA LYS A 208 13.66 -6.82 12.45
C LYS A 208 12.47 -7.05 11.52
N ASP A 209 11.28 -7.14 12.12
CA ASP A 209 10.07 -7.52 11.40
C ASP A 209 8.88 -6.78 11.99
N PRO A 210 8.08 -6.11 11.15
CA PRO A 210 8.11 -6.06 9.69
C PRO A 210 9.14 -5.09 9.14
N GLN A 211 9.16 -4.95 7.81
CA GLN A 211 9.98 -3.98 7.13
C GLN A 211 9.16 -3.34 6.02
N ILE A 212 9.62 -2.20 5.53
CA ILE A 212 9.02 -1.56 4.37
C ILE A 212 10.11 -1.11 3.41
N VAL A 213 10.06 -1.61 2.19
CA VAL A 213 11.08 -1.31 1.21
C VAL A 213 10.49 -0.44 0.10
N VAL A 214 10.97 0.78 -0.02
CA VAL A 214 10.53 1.69 -1.07
C VAL A 214 11.52 1.70 -2.22
N ILE A 215 11.01 1.48 -3.44
CA ILE A 215 11.87 1.35 -4.61
C ILE A 215 11.34 2.21 -5.75
N GLU A 216 12.24 2.87 -6.47
CA GLU A 216 11.84 3.69 -7.62
C GLU A 216 12.52 3.21 -8.89
N THR A 217 11.74 3.08 -9.95
CA THR A 217 12.31 2.74 -11.24
C THR A 217 12.89 4.01 -11.85
N LYS A 218 13.51 3.89 -13.02
CA LYS A 218 14.06 5.05 -13.71
C LYS A 218 12.95 5.91 -14.27
N GLY A 219 11.90 5.25 -14.74
CA GLY A 219 10.76 5.93 -15.33
C GLY A 219 9.93 6.73 -14.34
N GLY A 220 10.10 6.46 -13.06
CA GLY A 220 9.40 7.20 -12.03
C GLY A 220 8.33 6.43 -11.28
N ILE A 221 8.19 5.15 -11.61
CA ILE A 221 7.25 4.30 -10.87
C ILE A 221 7.73 4.16 -9.43
N VAL A 222 6.83 4.34 -8.48
CA VAL A 222 7.17 4.22 -7.07
C VAL A 222 6.55 2.98 -6.43
N ILE A 223 7.39 1.99 -6.17
CA ILE A 223 6.97 0.76 -5.52
C ILE A 223 7.12 0.92 -4.02
N ASN A 224 6.24 0.29 -3.26
CA ASN A 224 6.46 0.16 -1.83
C ASN A 224 5.99 -1.21 -1.36
N ALA A 225 6.94 -2.01 -0.91
CA ALA A 225 6.71 -3.40 -0.62
C ALA A 225 6.83 -3.71 0.86
N GLU A 226 5.81 -4.37 1.41
CA GLU A 226 5.81 -4.70 2.82
C GLU A 226 6.22 -6.14 3.03
N ILE A 227 7.23 -6.34 3.87
CA ILE A 227 7.67 -7.68 4.22
C ILE A 227 7.38 -7.96 5.69
N TYR A 228 6.53 -8.95 5.93
CA TYR A 228 6.16 -9.30 7.29
C TYR A 228 6.11 -10.82 7.44
N VAL A 229 7.23 -11.39 7.88
CA VAL A 229 7.39 -12.84 7.92
C VAL A 229 6.89 -13.47 9.22
N ASN A 230 6.20 -12.70 10.04
CA ASN A 230 5.66 -13.25 11.26
C ASN A 230 4.26 -12.74 11.49
N CYS A 231 3.43 -12.83 10.47
CA CYS A 231 2.10 -12.23 10.50
C CYS A 231 1.05 -13.10 11.14
N LYS A 232 1.34 -14.37 11.28
CA LYS A 232 0.50 -15.24 12.05
C LYS A 232 -0.71 -15.77 11.33
N TYR A 233 -1.43 -14.89 10.67
CA TYR A 233 -2.68 -15.26 10.02
C TYR A 233 -2.50 -16.19 8.84
N GLY A 234 -1.39 -16.06 8.13
CA GLY A 234 -1.08 -16.99 7.06
C GLY A 234 0.03 -16.57 6.11
N TYR A 235 0.15 -17.31 5.01
CA TYR A 235 1.08 -16.97 3.94
C TYR A 235 0.30 -16.20 2.89
N ASP A 236 0.76 -15.01 2.54
CA ASP A 236 -0.04 -14.11 1.73
C ASP A 236 0.79 -13.26 0.78
N ILE A 237 0.45 -13.29 -0.50
CA ILE A 237 1.12 -12.46 -1.49
C ILE A 237 0.11 -11.51 -2.12
N GLN A 238 0.31 -10.22 -1.92
CA GLN A 238 -0.59 -9.21 -2.49
C GLN A 238 0.19 -8.29 -3.41
N CYS A 239 -0.44 -7.89 -4.50
CA CYS A 239 0.20 -6.98 -5.43
C CYS A 239 -0.85 -6.14 -6.16
N GLU A 240 -0.71 -4.82 -6.05
CA GLU A 240 -1.63 -3.91 -6.71
C GLU A 240 -0.86 -2.89 -7.56
N ILE A 241 -1.27 -2.76 -8.81
CA ILE A 241 -0.63 -1.81 -9.71
C ILE A 241 -1.56 -0.67 -10.06
N VAL A 242 -1.24 0.53 -9.58
CA VAL A 242 -2.03 1.72 -9.86
C VAL A 242 -1.52 2.43 -11.10
N GLY A 243 -2.30 2.40 -12.17
CA GLY A 243 -1.94 3.07 -13.41
C GLY A 243 -2.60 4.43 -13.54
N GLU A 244 -2.41 5.06 -14.70
CA GLU A 244 -2.94 6.39 -14.95
C GLU A 244 -4.47 6.39 -14.93
N ASP A 245 -5.05 5.48 -15.69
CA ASP A 245 -6.50 5.48 -15.90
C ASP A 245 -7.21 4.30 -15.23
N GLY A 246 -6.48 3.53 -14.42
CA GLY A 246 -7.09 2.40 -13.75
C GLY A 246 -6.15 1.58 -12.88
N ILE A 247 -6.73 0.64 -12.13
CA ILE A 247 -5.99 -0.18 -11.17
C ILE A 247 -6.21 -1.67 -11.40
N ILE A 248 -5.13 -2.46 -11.33
CA ILE A 248 -5.23 -3.91 -11.46
C ILE A 248 -4.56 -4.58 -10.26
N LYS A 249 -5.14 -5.68 -9.80
CA LYS A 249 -4.68 -6.31 -8.58
C LYS A 249 -4.58 -7.83 -8.71
N LEU A 250 -3.60 -8.41 -8.05
CA LEU A 250 -3.40 -9.84 -8.04
C LEU A 250 -4.54 -10.50 -7.27
N PRO A 251 -5.05 -11.63 -7.77
CA PRO A 251 -6.14 -12.40 -7.13
C PRO A 251 -5.67 -13.20 -5.93
N GLU A 252 -6.61 -13.53 -5.05
CA GLU A 252 -6.39 -14.50 -3.99
C GLU A 252 -6.38 -15.89 -4.60
N PRO A 253 -5.64 -16.83 -3.99
CA PRO A 253 -5.78 -18.22 -4.41
C PRO A 253 -7.24 -18.67 -4.29
N SER A 254 -7.68 -19.54 -5.20
CA SER A 254 -9.07 -20.01 -5.19
C SER A 254 -9.46 -20.70 -3.89
N SER A 255 -10.66 -20.39 -3.42
CA SER A 255 -11.20 -21.01 -2.21
C SER A 255 -12.73 -20.99 -2.22
N ILE A 256 -13.34 -22.03 -1.69
CA ILE A 256 -14.78 -22.03 -1.47
C ILE A 256 -15.11 -21.03 -0.37
N SER A 257 -16.29 -20.42 -0.44
CA SER A 257 -16.72 -19.50 0.62
C SER A 257 -17.50 -20.26 1.67
N LEU A 258 -17.44 -19.78 2.92
CA LEU A 258 -18.17 -20.38 4.02
C LEU A 258 -19.03 -19.35 4.76
N ARG A 259 -20.29 -19.68 5.01
CA ARG A 259 -21.12 -18.89 5.91
C ARG A 259 -21.35 -19.69 7.18
N LYS A 260 -20.70 -19.29 8.26
CA LYS A 260 -20.81 -20.00 9.52
C LYS A 260 -20.45 -19.10 10.70
N GLU A 261 -21.10 -19.34 11.84
CA GLU A 261 -20.82 -18.62 13.07
C GLU A 261 -20.53 -17.13 12.90
N GLY A 262 -21.38 -16.43 12.17
CA GLY A 262 -21.28 -14.98 12.07
C GLY A 262 -20.36 -14.42 11.01
N ARG A 263 -19.45 -15.23 10.50
CA ARG A 263 -18.50 -14.76 9.48
C ARG A 263 -18.82 -15.28 8.07
N PHE A 264 -18.47 -14.49 7.07
CA PHE A 264 -18.53 -14.88 5.67
C PHE A 264 -17.10 -14.92 5.14
N SER A 265 -16.50 -16.11 5.15
CA SER A 265 -15.05 -16.21 4.92
C SER A 265 -14.61 -17.02 3.71
N THR A 266 -13.36 -16.80 3.30
CA THR A 266 -12.65 -17.73 2.42
C THR A 266 -11.38 -18.16 3.12
N ASP A 267 -10.69 -19.15 2.55
CA ASP A 267 -9.47 -19.68 3.18
C ASP A 267 -8.20 -18.92 2.81
N ILE A 268 -7.24 -18.93 3.72
CA ILE A 268 -5.92 -18.35 3.50
C ILE A 268 -4.89 -19.45 3.70
N LEU A 269 -3.96 -19.58 2.74
CA LEU A 269 -2.94 -20.61 2.82
C LEU A 269 -2.00 -20.40 4.00
N MET A 270 -1.50 -21.49 4.56
CA MET A 270 -0.50 -21.42 5.62
C MET A 270 0.88 -21.85 5.10
N ASP A 271 0.88 -22.82 4.18
CA ASP A 271 2.12 -23.37 3.65
C ASP A 271 2.52 -22.71 2.32
N TRP A 272 3.65 -22.01 2.33
CA TRP A 272 4.17 -21.36 1.13
C TRP A 272 4.30 -22.32 -0.04
N GLN A 273 4.39 -23.61 0.26
CA GLN A 273 4.63 -24.63 -0.74
C GLN A 273 3.40 -24.91 -1.61
N ARG A 274 2.23 -24.45 -1.15
CA ARG A 274 1.00 -24.66 -1.90
C ARG A 274 0.66 -23.48 -2.81
N ARG A 275 1.28 -22.32 -2.52
CA ARG A 275 0.95 -21.08 -3.22
C ARG A 275 1.31 -21.09 -4.71
N PHE A 276 2.47 -21.64 -5.05
CA PHE A 276 2.96 -21.56 -6.42
C PHE A 276 3.22 -22.92 -7.09
N VAL A 277 2.66 -23.97 -6.54
CA VAL A 277 2.87 -25.31 -7.07
C VAL A 277 2.63 -25.40 -8.58
N ALA A 278 1.68 -24.61 -9.10
CA ALA A 278 1.37 -24.65 -10.52
C ALA A 278 2.39 -23.86 -11.35
N ALA A 279 2.95 -22.81 -10.77
CA ALA A 279 3.98 -22.02 -11.45
C ALA A 279 5.27 -22.82 -11.61
N TYR A 280 5.64 -23.60 -10.59
CA TYR A 280 6.80 -24.47 -10.72
C TYR A 280 6.60 -25.46 -11.87
N ASP A 281 5.43 -26.10 -11.89
CA ASP A 281 5.13 -27.08 -12.93
C ASP A 281 5.25 -26.49 -14.32
N VAL A 282 4.71 -25.29 -14.52
CA VAL A 282 4.75 -24.65 -15.82
C VAL A 282 6.18 -24.19 -16.15
N GLU A 283 6.88 -23.73 -15.12
CA GLU A 283 8.24 -23.24 -15.25
C GLU A 283 9.19 -24.30 -15.80
N ILE A 284 9.15 -25.49 -15.19
CA ILE A 284 10.03 -26.57 -15.58
C ILE A 284 9.63 -27.11 -16.95
N GLN A 285 8.34 -27.33 -17.14
CA GLN A 285 7.82 -27.76 -18.42
C GLN A 285 8.23 -26.82 -19.56
N ASP A 286 8.47 -25.56 -19.23
CA ASP A 286 8.86 -24.57 -20.23
C ASP A 286 10.36 -24.67 -20.52
N PHE A 287 11.13 -24.95 -19.48
CA PHE A 287 12.55 -25.22 -19.63
C PHE A 287 12.74 -26.37 -20.62
N ILE A 288 12.00 -27.46 -20.40
CA ILE A 288 12.02 -28.61 -21.29
C ILE A 288 11.60 -28.26 -22.71
N ASP A 289 10.32 -27.95 -22.89
CA ASP A 289 9.75 -27.67 -24.20
C ASP A 289 10.53 -26.62 -24.98
N SER A 290 10.94 -25.56 -24.31
CA SER A 290 11.63 -24.47 -24.99
C SER A 290 12.98 -24.92 -25.56
N ILE A 291 13.54 -25.98 -25.00
CA ILE A 291 14.82 -26.48 -25.48
C ILE A 291 14.64 -27.36 -26.71
N GLN A 292 13.71 -28.30 -26.63
CA GLN A 292 13.47 -29.25 -27.70
C GLN A 292 12.71 -28.63 -28.87
N LYS A 293 12.35 -27.36 -28.73
CA LYS A 293 11.51 -26.70 -29.73
C LYS A 293 12.01 -25.30 -30.06
N LYS A 294 13.26 -25.01 -29.69
CA LYS A 294 13.86 -23.69 -29.95
C LYS A 294 15.38 -23.74 -29.86
N GLY A 295 15.89 -24.74 -29.15
CA GLY A 295 17.33 -24.88 -28.99
C GLY A 295 17.92 -23.87 -28.04
N GLU A 296 17.09 -23.30 -27.17
CA GLU A 296 17.56 -22.39 -26.12
C GLU A 296 16.49 -22.14 -25.05
N VAL A 297 16.94 -21.87 -23.83
CA VAL A 297 16.04 -21.58 -22.73
C VAL A 297 15.32 -20.26 -22.97
N SER A 298 14.17 -20.06 -22.31
CA SER A 298 13.33 -18.90 -22.58
C SER A 298 13.09 -17.97 -21.39
N GLY A 299 12.85 -18.55 -20.22
CA GLY A 299 12.43 -17.78 -19.06
C GLY A 299 13.38 -16.68 -18.61
N PRO A 300 13.35 -16.36 -17.31
CA PRO A 300 14.23 -15.35 -16.71
C PRO A 300 15.69 -15.66 -17.04
N THR A 301 16.46 -14.62 -17.36
CA THR A 301 17.81 -14.81 -17.89
C THR A 301 18.89 -14.56 -16.86
N ALA A 302 20.13 -14.85 -17.24
CA ALA A 302 21.29 -14.63 -16.39
C ALA A 302 21.40 -13.15 -16.04
N TRP A 303 20.96 -12.30 -16.96
CA TRP A 303 20.99 -10.86 -16.73
C TRP A 303 19.98 -10.47 -15.65
N ASP A 304 18.79 -11.07 -15.72
CA ASP A 304 17.76 -10.83 -14.71
C ASP A 304 18.31 -11.23 -13.34
N GLY A 305 19.03 -12.34 -13.31
CA GLY A 305 19.68 -12.80 -12.10
C GLY A 305 20.68 -11.77 -11.59
N TYR A 306 21.37 -11.12 -12.52
CA TYR A 306 22.31 -10.07 -12.15
C TYR A 306 21.57 -8.90 -11.53
N ILE A 307 20.53 -8.43 -12.21
CA ILE A 307 19.70 -7.33 -11.71
C ILE A 307 19.26 -7.60 -10.28
N ALA A 308 18.76 -8.81 -10.04
CA ALA A 308 18.32 -9.20 -8.72
C ALA A 308 19.45 -9.01 -7.71
N ALA A 309 20.62 -9.54 -8.04
CA ALA A 309 21.78 -9.48 -7.16
C ALA A 309 22.16 -8.05 -6.76
N VAL A 310 22.19 -7.15 -7.74
CA VAL A 310 22.56 -5.76 -7.48
C VAL A 310 21.55 -5.12 -6.53
N THR A 311 20.28 -5.25 -6.88
CA THR A 311 19.21 -4.64 -6.11
C THR A 311 19.18 -5.19 -4.69
N THR A 312 19.37 -6.50 -4.57
CA THR A 312 19.46 -7.15 -3.27
C THR A 312 20.55 -6.52 -2.42
N ASP A 313 21.71 -6.27 -3.04
CA ASP A 313 22.81 -5.63 -2.33
C ASP A 313 22.42 -4.23 -1.88
N ALA A 314 21.81 -3.47 -2.78
CA ALA A 314 21.37 -2.11 -2.48
C ALA A 314 20.41 -2.08 -1.30
N CYS A 315 19.60 -3.13 -1.17
CA CYS A 315 18.63 -3.21 -0.09
C CYS A 315 19.31 -3.47 1.25
N VAL A 316 20.27 -4.38 1.26
CA VAL A 316 21.02 -4.67 2.48
C VAL A 316 21.82 -3.45 2.91
N LYS A 317 22.25 -2.65 1.94
CA LYS A 317 22.85 -1.36 2.24
C LYS A 317 21.81 -0.48 2.94
N ALA A 318 20.75 -0.14 2.21
CA ALA A 318 19.69 0.71 2.74
C ALA A 318 19.18 0.20 4.09
N GLN A 319 19.30 -1.09 4.32
CA GLN A 319 18.88 -1.70 5.58
C GLN A 319 19.69 -1.16 6.75
N GLU A 320 21.00 -1.39 6.69
CA GLU A 320 21.90 -1.10 7.79
C GLU A 320 22.33 0.37 7.87
N SER A 321 21.99 1.14 6.84
CA SER A 321 22.35 2.55 6.81
C SER A 321 21.13 3.46 6.93
N GLY A 322 19.94 2.88 6.80
CA GLY A 322 18.71 3.65 6.83
C GLY A 322 18.75 4.79 5.83
N GLN A 323 19.52 4.60 4.77
CA GLN A 323 19.71 5.63 3.75
C GLN A 323 18.95 5.29 2.47
N LYS A 324 18.81 6.29 1.61
CA LYS A 324 18.31 6.08 0.26
C LYS A 324 19.47 5.71 -0.65
N GLU A 325 19.68 4.42 -0.86
CA GLU A 325 20.78 3.92 -1.66
C GLU A 325 20.47 3.92 -3.16
N LYS A 326 21.52 4.03 -3.97
CA LYS A 326 21.37 3.99 -5.42
C LYS A 326 21.49 2.54 -5.92
N VAL A 327 20.85 2.25 -7.03
CA VAL A 327 20.97 0.93 -7.67
C VAL A 327 21.69 1.09 -9.00
N GLU A 328 23.00 0.85 -8.99
CA GLU A 328 23.84 1.07 -10.17
C GLU A 328 24.05 -0.20 -10.96
N LEU A 329 23.47 -0.24 -12.16
CA LEU A 329 23.55 -1.41 -13.01
C LEU A 329 24.44 -1.16 -14.21
N LYS A 330 25.25 -2.15 -14.57
CA LYS A 330 26.02 -2.06 -15.80
C LYS A 330 25.07 -2.03 -16.99
N GLU A 331 25.53 -1.50 -18.11
CA GLU A 331 24.69 -1.43 -19.30
C GLU A 331 24.25 -2.83 -19.71
N LYS A 332 22.98 -2.96 -20.06
CA LYS A 332 22.43 -4.24 -20.50
C LYS A 332 23.00 -4.62 -21.86
N PRO A 333 23.88 -5.63 -21.91
CA PRO A 333 24.48 -6.09 -23.16
C PRO A 333 23.40 -6.54 -24.15
N GLU A 334 23.46 -6.04 -25.38
CA GLU A 334 22.40 -6.30 -26.36
C GLU A 334 22.17 -7.78 -26.60
N PHE A 335 23.11 -8.60 -26.16
CA PHE A 335 22.95 -10.04 -26.22
C PHE A 335 21.64 -10.46 -25.55
N TYR A 336 21.02 -9.54 -24.82
CA TYR A 336 19.83 -9.86 -24.03
C TYR A 336 18.55 -9.14 -24.45
N GLN A 337 18.32 -9.01 -25.75
CA GLN A 337 17.06 -8.49 -26.28
C GLN A 337 17.10 -8.25 -27.79
N MET B 1 -38.25 21.86 22.12
CA MET B 1 -37.27 22.93 22.31
C MET B 1 -36.03 22.73 21.43
N SER B 2 -36.16 23.09 20.15
CA SER B 2 -35.08 22.89 19.19
C SER B 2 -33.92 23.86 19.35
N LEU B 3 -32.71 23.34 19.18
CA LEU B 3 -31.50 24.15 19.19
C LEU B 3 -31.54 25.15 18.04
N ARG B 4 -31.30 26.42 18.35
CA ARG B 4 -31.33 27.46 17.34
C ARG B 4 -29.93 27.75 16.81
N ILE B 5 -29.73 27.47 15.53
CA ILE B 5 -28.41 27.55 14.92
C ILE B 5 -28.30 28.66 13.88
N GLY B 6 -27.13 29.30 13.82
CA GLY B 6 -26.87 30.31 12.83
C GLY B 6 -25.73 29.89 11.92
N VAL B 7 -25.91 30.07 10.62
CA VAL B 7 -24.91 29.64 9.65
C VAL B 7 -24.06 30.79 9.14
N ILE B 8 -22.76 30.73 9.41
CA ILE B 8 -21.83 31.72 8.88
C ILE B 8 -21.19 31.21 7.60
N GLY B 9 -21.78 31.59 6.46
CA GLY B 9 -21.27 31.18 5.18
C GLY B 9 -22.21 30.25 4.44
N THR B 10 -23.12 30.83 3.66
CA THR B 10 -24.07 30.05 2.88
C THR B 10 -23.41 29.47 1.63
N GLY B 11 -22.29 28.79 1.83
CA GLY B 11 -21.56 28.17 0.74
C GLY B 11 -22.30 26.98 0.18
N ALA B 12 -21.63 26.19 -0.66
CA ALA B 12 -22.25 24.99 -1.21
C ALA B 12 -22.42 23.93 -0.13
N ILE B 13 -21.42 23.82 0.74
CA ILE B 13 -21.48 22.84 1.82
C ILE B 13 -22.29 23.39 3.00
N GLY B 14 -22.43 24.71 3.04
CA GLY B 14 -23.28 25.33 4.03
C GLY B 14 -24.73 25.21 3.60
N LYS B 15 -24.94 25.07 2.30
CA LYS B 15 -26.27 24.82 1.75
C LYS B 15 -26.72 23.41 2.08
N GLU B 16 -25.78 22.47 2.12
CA GLU B 16 -26.09 21.10 2.50
C GLU B 16 -26.50 21.02 3.96
N HIS B 17 -25.64 21.55 4.84
CA HIS B 17 -25.90 21.52 6.27
C HIS B 17 -27.23 22.17 6.64
N ILE B 18 -27.57 23.25 5.95
CA ILE B 18 -28.84 23.92 6.20
C ILE B 18 -30.00 23.01 5.84
N ASN B 19 -29.87 22.32 4.71
CA ASN B 19 -30.93 21.44 4.21
C ASN B 19 -31.16 20.19 5.08
N ARG B 20 -30.08 19.59 5.57
CA ARG B 20 -30.22 18.40 6.41
C ARG B 20 -30.81 18.75 7.78
N ILE B 21 -30.31 19.82 8.38
CA ILE B 21 -30.83 20.31 9.66
C ILE B 21 -32.30 20.66 9.52
N THR B 22 -32.70 21.09 8.33
CA THR B 22 -34.06 21.53 8.08
C THR B 22 -35.00 20.37 7.77
N ASN B 23 -34.57 19.47 6.88
CA ASN B 23 -35.46 18.49 6.29
C ASN B 23 -35.13 17.03 6.58
N LYS B 24 -34.08 16.77 7.35
CA LYS B 24 -33.68 15.39 7.62
C LYS B 24 -33.46 15.10 9.10
N LEU B 25 -32.82 16.02 9.80
CA LEU B 25 -32.44 15.78 11.18
C LEU B 25 -33.53 16.18 12.19
N SER B 26 -33.21 16.09 13.48
CA SER B 26 -34.20 16.29 14.53
C SER B 26 -33.75 17.25 15.63
N GLY B 27 -34.63 18.19 15.96
CA GLY B 27 -34.44 19.04 17.13
C GLY B 27 -33.57 20.26 16.95
N ALA B 28 -33.65 20.92 15.80
CA ALA B 28 -32.89 22.14 15.56
C ALA B 28 -33.36 22.88 14.32
N GLU B 29 -33.15 24.20 14.29
CA GLU B 29 -33.54 25.01 13.15
C GLU B 29 -32.56 26.14 12.88
N ILE B 30 -32.42 26.51 11.61
CA ILE B 30 -31.55 27.61 11.20
C ILE B 30 -32.31 28.94 11.25
N VAL B 31 -31.84 29.87 12.08
CA VAL B 31 -32.54 31.14 12.28
C VAL B 31 -31.73 32.34 11.82
N ALA B 32 -30.48 32.11 11.43
CA ALA B 32 -29.61 33.21 11.03
C ALA B 32 -28.54 32.76 10.04
N VAL B 33 -28.44 33.47 8.92
CA VAL B 33 -27.38 33.23 7.97
C VAL B 33 -26.67 34.53 7.63
N THR B 34 -25.35 34.47 7.53
CA THR B 34 -24.56 35.61 7.10
C THR B 34 -23.57 35.17 6.03
N ASP B 35 -23.51 35.94 4.94
CA ASP B 35 -22.60 35.64 3.85
C ASP B 35 -21.90 36.91 3.38
N VAL B 36 -20.69 36.75 2.87
CA VAL B 36 -19.94 37.88 2.33
C VAL B 36 -20.67 38.43 1.11
N ASN B 37 -21.39 37.55 0.41
CA ASN B 37 -22.30 37.95 -0.64
C ASN B 37 -23.72 37.97 -0.09
N GLN B 38 -24.14 39.13 0.41
CA GLN B 38 -25.42 39.25 1.11
C GLN B 38 -26.62 38.98 0.20
N GLU B 39 -26.37 38.90 -1.10
CA GLU B 39 -27.43 38.55 -2.04
C GLU B 39 -27.44 37.04 -2.29
N ALA B 40 -26.31 36.39 -2.05
CA ALA B 40 -26.21 34.95 -2.18
C ALA B 40 -26.92 34.26 -1.02
N ALA B 41 -26.65 34.74 0.19
CA ALA B 41 -27.30 34.23 1.39
C ALA B 41 -28.80 34.47 1.34
N GLN B 42 -29.19 35.63 0.82
CA GLN B 42 -30.60 35.99 0.78
C GLN B 42 -31.39 35.08 -0.16
N LYS B 43 -30.69 34.41 -1.06
CA LYS B 43 -31.33 33.46 -1.96
C LYS B 43 -31.50 32.12 -1.27
N VAL B 44 -30.50 31.74 -0.47
CA VAL B 44 -30.53 30.50 0.29
C VAL B 44 -31.68 30.49 1.29
N VAL B 45 -32.13 31.69 1.69
CA VAL B 45 -33.20 31.81 2.67
C VAL B 45 -34.58 31.60 2.06
N GLU B 46 -34.79 32.12 0.86
CA GLU B 46 -36.06 31.91 0.17
C GLU B 46 -36.10 30.50 -0.40
N GLN B 47 -34.91 29.97 -0.70
CA GLN B 47 -34.78 28.62 -1.21
C GLN B 47 -35.47 27.64 -0.27
N TYR B 48 -34.84 27.37 0.87
CA TYR B 48 -35.37 26.42 1.83
C TYR B 48 -36.43 27.05 2.73
N GLN B 49 -37.22 27.95 2.14
CA GLN B 49 -38.30 28.64 2.85
C GLN B 49 -37.99 28.83 4.33
N LEU B 50 -36.77 29.26 4.63
CA LEU B 50 -36.33 29.43 6.02
C LEU B 50 -37.06 30.59 6.68
N ASN B 51 -37.02 30.62 8.00
CA ASN B 51 -37.59 31.72 8.77
C ASN B 51 -36.47 32.40 9.55
N ALA B 52 -35.40 32.75 8.83
CA ALA B 52 -34.17 33.25 9.42
C ALA B 52 -33.95 34.73 9.18
N THR B 53 -32.75 35.20 9.57
CA THR B 53 -32.37 36.60 9.40
C THR B 53 -31.00 36.70 8.76
N VAL B 54 -30.85 37.62 7.80
CA VAL B 54 -29.59 37.78 7.09
C VAL B 54 -28.74 38.89 7.71
N TYR B 55 -27.47 38.57 7.98
CA TYR B 55 -26.54 39.53 8.56
C TYR B 55 -25.39 39.81 7.60
N PRO B 56 -24.89 41.06 7.62
CA PRO B 56 -23.77 41.48 6.78
C PRO B 56 -22.48 40.85 7.23
N ASN B 57 -22.33 40.71 8.55
CA ASN B 57 -21.15 40.10 9.14
C ASN B 57 -21.50 39.17 10.29
N ASP B 58 -20.53 38.37 10.72
CA ASP B 58 -20.73 37.45 11.83
C ASP B 58 -21.02 38.15 13.16
N ASP B 59 -20.38 39.30 13.38
CA ASP B 59 -20.57 40.06 14.63
C ASP B 59 -22.04 40.31 14.92
N SER B 60 -22.77 40.78 13.91
CA SER B 60 -24.18 41.09 14.05
C SER B 60 -25.00 39.82 14.26
N LEU B 61 -24.57 38.72 13.63
CA LEU B 61 -25.24 37.43 13.79
C LEU B 61 -24.94 36.84 15.18
N LEU B 62 -23.68 36.89 15.58
CA LEU B 62 -23.27 36.40 16.89
C LEU B 62 -23.87 37.24 18.01
N ALA B 63 -24.22 38.48 17.68
CA ALA B 63 -24.84 39.38 18.64
C ALA B 63 -26.32 39.04 18.84
N ASP B 64 -26.88 38.28 17.90
CA ASP B 64 -28.27 37.85 18.00
C ASP B 64 -28.46 36.89 19.17
N GLU B 65 -29.51 37.09 19.95
CA GLU B 65 -29.75 36.29 21.14
C GLU B 65 -30.55 35.03 20.85
N ASN B 66 -31.03 34.90 19.63
CA ASN B 66 -31.68 33.67 19.19
C ASN B 66 -30.67 32.55 19.08
N VAL B 67 -29.59 32.81 18.34
CA VAL B 67 -28.63 31.76 18.01
C VAL B 67 -27.93 31.21 19.25
N ASP B 68 -27.89 29.88 19.34
CA ASP B 68 -27.21 29.20 20.43
C ASP B 68 -25.90 28.64 19.91
N ALA B 69 -25.91 28.23 18.64
CA ALA B 69 -24.73 27.64 18.01
C ALA B 69 -24.54 28.18 16.60
N VAL B 70 -23.34 28.01 16.07
CA VAL B 70 -23.04 28.46 14.73
C VAL B 70 -22.36 27.39 13.89
N LEU B 71 -22.69 27.37 12.60
CA LEU B 71 -21.96 26.56 11.64
C LEU B 71 -21.01 27.48 10.90
N VAL B 72 -19.71 27.29 11.10
CA VAL B 72 -18.72 28.07 10.36
C VAL B 72 -18.37 27.37 9.05
N THR B 73 -19.11 27.71 8.00
CA THR B 73 -18.99 27.00 6.73
C THR B 73 -18.74 27.94 5.56
N SER B 74 -17.81 28.87 5.75
CA SER B 74 -17.37 29.76 4.68
C SER B 74 -15.94 29.44 4.31
N TRP B 75 -15.31 30.30 3.51
CA TRP B 75 -13.92 30.08 3.09
C TRP B 75 -13.04 29.60 4.24
N GLY B 76 -12.03 28.80 3.90
CA GLY B 76 -11.09 28.30 4.88
C GLY B 76 -10.45 29.39 5.74
N PRO B 77 -9.96 30.46 5.10
CA PRO B 77 -9.33 31.58 5.81
C PRO B 77 -10.27 32.23 6.83
N ALA B 78 -11.50 32.50 6.40
CA ALA B 78 -12.48 33.20 7.23
C ALA B 78 -13.05 32.33 8.35
N HIS B 79 -12.31 31.31 8.76
CA HIS B 79 -12.75 30.44 9.84
C HIS B 79 -12.21 30.90 11.18
N GLU B 80 -10.89 30.86 11.32
CA GLU B 80 -10.23 31.23 12.57
C GLU B 80 -10.89 32.43 13.24
N SER B 81 -11.18 33.46 12.45
CA SER B 81 -11.83 34.65 12.96
C SER B 81 -13.22 34.32 13.52
N SER B 82 -14.13 33.91 12.64
CA SER B 82 -15.48 33.57 13.03
C SER B 82 -15.53 32.68 14.27
N VAL B 83 -14.59 31.74 14.35
CA VAL B 83 -14.53 30.81 15.48
C VAL B 83 -14.21 31.52 16.80
N LEU B 84 -13.05 32.18 16.86
CA LEU B 84 -12.64 32.90 18.07
C LEU B 84 -13.74 33.84 18.57
N LYS B 85 -14.41 34.51 17.63
CA LYS B 85 -15.53 35.37 17.99
C LYS B 85 -16.62 34.56 18.67
N ALA B 86 -17.02 33.46 18.04
CA ALA B 86 -18.08 32.60 18.59
C ALA B 86 -17.75 32.12 20.01
N ILE B 87 -16.49 31.76 20.24
CA ILE B 87 -16.06 31.30 21.55
C ILE B 87 -16.22 32.41 22.58
N LYS B 88 -15.95 33.64 22.15
CA LYS B 88 -16.05 34.80 23.03
C LYS B 88 -17.51 35.20 23.27
N ALA B 89 -18.33 35.13 22.23
CA ALA B 89 -19.76 35.39 22.38
C ALA B 89 -20.44 34.21 23.08
N GLN B 90 -19.64 33.17 23.36
CA GLN B 90 -20.13 31.98 24.06
C GLN B 90 -21.29 31.28 23.35
N LYS B 91 -21.12 31.04 22.06
CA LYS B 91 -22.05 30.21 21.31
C LYS B 91 -21.36 28.87 21.06
N TYR B 92 -22.15 27.84 20.74
CA TYR B 92 -21.58 26.56 20.36
C TYR B 92 -21.13 26.65 18.90
N VAL B 93 -19.98 26.07 18.58
CA VAL B 93 -19.48 26.16 17.21
C VAL B 93 -19.16 24.82 16.58
N PHE B 94 -19.80 24.55 15.45
CA PHE B 94 -19.40 23.45 14.58
C PHE B 94 -18.60 24.04 13.44
N CYS B 95 -17.31 23.71 13.40
CA CYS B 95 -16.42 24.28 12.40
C CYS B 95 -15.94 23.25 11.39
N GLU B 96 -16.37 23.43 10.14
CA GLU B 96 -15.89 22.62 9.02
C GLU B 96 -14.41 22.86 8.79
N LYS B 97 -13.68 21.82 8.38
CA LYS B 97 -12.26 21.96 8.08
C LYS B 97 -12.03 23.07 7.06
N PRO B 98 -10.95 23.87 7.25
CA PRO B 98 -10.02 23.72 8.37
C PRO B 98 -10.50 24.45 9.62
N LEU B 99 -10.00 24.05 10.78
CA LEU B 99 -10.23 24.80 12.01
C LEU B 99 -9.71 26.21 11.79
N ALA B 100 -8.42 26.28 11.44
CA ALA B 100 -7.79 27.52 11.03
C ALA B 100 -6.65 27.19 10.07
N THR B 101 -6.41 28.07 9.10
CA THR B 101 -5.42 27.80 8.07
C THR B 101 -3.97 27.77 8.60
N THR B 102 -3.75 28.36 9.76
CA THR B 102 -2.41 28.41 10.35
C THR B 102 -2.32 27.61 11.65
N ALA B 103 -1.24 26.85 11.81
CA ALA B 103 -1.08 25.97 12.96
C ALA B 103 -1.12 26.74 14.28
N GLU B 104 -0.87 28.04 14.20
CA GLU B 104 -0.89 28.92 15.37
C GLU B 104 -2.30 29.46 15.61
N GLY B 105 -3.04 29.66 14.52
CA GLY B 105 -4.43 30.07 14.61
C GLY B 105 -5.24 29.08 15.41
N CYS B 106 -4.99 27.80 15.16
CA CYS B 106 -5.67 26.73 15.89
C CYS B 106 -5.19 26.74 17.35
N MET B 107 -4.02 27.31 17.57
CA MET B 107 -3.46 27.37 18.91
C MET B 107 -4.14 28.47 19.73
N ARG B 108 -4.52 29.56 19.07
CA ARG B 108 -5.26 30.63 19.75
C ARG B 108 -6.60 30.11 20.20
N ILE B 109 -7.28 29.41 19.29
CA ILE B 109 -8.61 28.87 19.54
C ILE B 109 -8.61 27.92 20.73
N VAL B 110 -7.59 27.08 20.82
CA VAL B 110 -7.46 26.15 21.94
C VAL B 110 -7.48 26.91 23.26
N GLU B 111 -6.60 27.89 23.38
CA GLU B 111 -6.46 28.69 24.60
C GLU B 111 -7.77 29.34 25.04
N GLU B 112 -8.51 29.88 24.08
CA GLU B 112 -9.80 30.51 24.38
C GLU B 112 -10.77 29.51 25.00
N GLU B 113 -10.93 28.36 24.34
CA GLU B 113 -11.83 27.32 24.82
C GLU B 113 -11.42 26.81 26.20
N ILE B 114 -10.11 26.72 26.44
CA ILE B 114 -9.61 26.24 27.72
C ILE B 114 -10.06 27.15 28.85
N LYS B 115 -10.41 28.39 28.50
CA LYS B 115 -10.88 29.36 29.48
C LYS B 115 -12.38 29.18 29.76
N VAL B 116 -13.15 29.07 28.70
CA VAL B 116 -14.61 28.97 28.81
C VAL B 116 -15.08 27.74 29.62
N GLY B 117 -14.13 26.98 30.16
CA GLY B 117 -14.44 25.92 31.09
C GLY B 117 -14.96 24.62 30.50
N LYS B 118 -15.73 24.72 29.40
CA LYS B 118 -16.24 23.53 28.74
C LYS B 118 -15.92 23.53 27.25
N ARG B 119 -16.45 22.53 26.55
CA ARG B 119 -16.16 22.35 25.13
C ARG B 119 -17.26 22.96 24.25
N LEU B 120 -16.86 23.91 23.41
CA LEU B 120 -17.78 24.56 22.48
C LEU B 120 -17.45 24.20 21.04
N VAL B 121 -16.17 23.93 20.79
CA VAL B 121 -15.70 23.72 19.41
C VAL B 121 -15.70 22.25 19.00
N GLN B 122 -16.45 21.96 17.94
CA GLN B 122 -16.43 20.65 17.28
C GLN B 122 -16.01 20.83 15.82
N VAL B 123 -14.96 20.12 15.42
CA VAL B 123 -14.46 20.21 14.04
C VAL B 123 -15.10 19.15 13.13
N GLY B 124 -15.51 19.58 11.94
CA GLY B 124 -16.26 18.72 11.03
C GLY B 124 -15.47 17.70 10.25
N PHE B 125 -14.81 16.79 10.96
CA PHE B 125 -14.14 15.66 10.34
C PHE B 125 -15.06 14.44 10.38
N MET B 126 -15.92 14.34 9.37
CA MET B 126 -17.05 13.43 9.38
C MET B 126 -16.70 11.95 9.35
N ARG B 127 -15.56 11.63 8.73
CA ARG B 127 -15.14 10.24 8.63
C ARG B 127 -15.26 9.48 9.95
N ARG B 128 -15.16 10.19 11.07
CA ARG B 128 -15.22 9.55 12.38
C ARG B 128 -16.60 8.97 12.67
N TYR B 129 -17.61 9.43 11.92
CA TYR B 129 -18.98 8.98 12.11
C TYR B 129 -19.41 7.95 11.07
N ASP B 130 -18.60 7.82 10.02
CA ASP B 130 -18.83 6.82 8.99
C ASP B 130 -18.75 5.42 9.60
N SER B 131 -19.73 4.58 9.30
CA SER B 131 -19.85 3.25 9.91
C SER B 131 -18.66 2.34 9.58
N GLY B 132 -18.07 2.55 8.41
CA GLY B 132 -16.86 1.84 8.03
C GLY B 132 -15.77 2.13 9.03
N TYR B 133 -15.43 3.40 9.17
CA TYR B 133 -14.39 3.84 10.08
C TYR B 133 -14.72 3.49 11.54
N VAL B 134 -16.00 3.52 11.86
CA VAL B 134 -16.47 3.14 13.19
C VAL B 134 -16.19 1.66 13.47
N GLN B 135 -16.46 0.80 12.49
CA GLN B 135 -16.21 -0.64 12.65
C GLN B 135 -14.72 -0.90 12.86
N LEU B 136 -13.89 -0.17 12.13
CA LEU B 136 -12.44 -0.25 12.32
C LEU B 136 -12.08 0.09 13.75
N LYS B 137 -12.54 1.26 14.20
CA LYS B 137 -12.32 1.70 15.58
C LYS B 137 -12.75 0.62 16.56
N GLU B 138 -13.96 0.11 16.39
CA GLU B 138 -14.49 -0.97 17.20
C GLU B 138 -13.52 -2.15 17.27
N ALA B 139 -13.06 -2.60 16.10
CA ALA B 139 -12.17 -3.77 16.03
C ALA B 139 -10.85 -3.53 16.75
N LEU B 140 -10.32 -2.32 16.60
CA LEU B 140 -9.05 -1.96 17.22
C LEU B 140 -9.16 -1.86 18.74
N ASP B 141 -10.20 -1.21 19.22
CA ASP B 141 -10.44 -1.10 20.66
C ASP B 141 -10.60 -2.48 21.29
N ASN B 142 -10.87 -3.47 20.46
CA ASN B 142 -11.08 -4.83 20.94
C ASN B 142 -9.82 -5.70 20.85
N HIS B 143 -8.77 -5.14 20.24
CA HIS B 143 -7.49 -5.83 20.10
C HIS B 143 -7.61 -7.03 19.16
N VAL B 144 -8.58 -6.97 18.25
CA VAL B 144 -8.82 -8.04 17.31
C VAL B 144 -7.53 -8.46 16.58
N ILE B 145 -6.76 -7.46 16.12
CA ILE B 145 -5.55 -7.72 15.38
C ILE B 145 -4.29 -7.36 16.17
N GLY B 146 -4.38 -7.38 17.48
CA GLY B 146 -3.25 -7.02 18.33
C GLY B 146 -2.77 -5.60 18.06
N GLU B 147 -1.46 -5.40 18.15
CA GLU B 147 -0.87 -4.07 17.96
C GLU B 147 -0.75 -3.67 16.49
N PRO B 148 -1.34 -2.53 16.11
CA PRO B 148 -1.13 -1.96 14.78
C PRO B 148 0.36 -1.79 14.47
N LEU B 149 0.73 -1.93 13.21
CA LEU B 149 2.13 -1.79 12.80
C LEU B 149 2.29 -0.88 11.60
N MET B 150 1.46 -1.10 10.58
CA MET B 150 1.51 -0.29 9.36
C MET B 150 0.10 0.02 8.87
N ILE B 151 -0.02 1.06 8.07
CA ILE B 151 -1.32 1.44 7.51
C ILE B 151 -1.17 1.85 6.04
N HIS B 152 -1.89 1.15 5.16
CA HIS B 152 -1.88 1.47 3.74
C HIS B 152 -3.21 2.06 3.34
N CYS B 153 -3.20 3.34 2.97
CA CYS B 153 -4.44 3.99 2.57
C CYS B 153 -4.27 4.78 1.28
N ALA B 154 -5.39 4.99 0.59
CA ALA B 154 -5.40 5.74 -0.65
C ALA B 154 -6.55 6.74 -0.62
N HIS B 155 -6.48 7.73 -1.50
CA HIS B 155 -7.49 8.76 -1.60
C HIS B 155 -7.47 9.28 -3.02
N ARG B 156 -8.50 8.94 -3.80
CA ARG B 156 -8.47 9.22 -5.23
C ARG B 156 -9.68 9.99 -5.75
N ASN B 157 -9.44 10.86 -6.72
CA ASN B 157 -10.48 11.64 -7.37
C ASN B 157 -10.44 11.42 -8.88
N PRO B 158 -11.61 11.42 -9.53
CA PRO B 158 -11.63 11.25 -10.99
C PRO B 158 -10.81 12.34 -11.67
N THR B 159 -11.00 13.58 -11.21
CA THR B 159 -10.28 14.71 -11.78
C THR B 159 -10.38 15.91 -10.85
N VAL B 160 -9.80 17.03 -11.28
CA VAL B 160 -9.87 18.27 -10.52
C VAL B 160 -9.94 19.48 -11.45
N GLY B 161 -10.09 20.66 -10.85
CA GLY B 161 -10.11 21.90 -11.61
C GLY B 161 -8.73 22.49 -11.75
N ASP B 162 -8.64 23.58 -12.50
CA ASP B 162 -7.37 24.28 -12.69
C ASP B 162 -6.96 24.97 -11.40
N ASN B 163 -7.86 24.94 -10.43
CA ASN B 163 -7.63 25.60 -9.14
C ASN B 163 -6.95 24.71 -8.12
N TYR B 164 -6.86 23.41 -8.42
CA TYR B 164 -6.22 22.48 -7.50
C TYR B 164 -4.71 22.55 -7.62
N THR B 165 -4.04 22.78 -6.50
CA THR B 165 -2.59 22.96 -6.49
C THR B 165 -1.88 21.96 -5.58
N THR B 166 -0.59 21.75 -5.84
CA THR B 166 0.20 20.74 -5.15
C THR B 166 -0.02 20.69 -3.64
N ASP B 167 -0.17 21.85 -3.00
CA ASP B 167 -0.35 21.90 -1.55
C ASP B 167 -1.76 21.46 -1.13
N MET B 168 -2.73 21.67 -2.01
CA MET B 168 -4.11 21.29 -1.72
C MET B 168 -4.24 19.78 -1.52
N ALA B 169 -3.30 19.04 -2.11
CA ALA B 169 -3.28 17.59 -1.98
C ALA B 169 -3.15 17.15 -0.52
N VAL B 170 -2.35 17.88 0.24
CA VAL B 170 -2.12 17.55 1.66
C VAL B 170 -2.91 18.44 2.59
N VAL B 171 -3.57 19.46 2.03
CA VAL B 171 -4.28 20.43 2.85
C VAL B 171 -5.78 20.20 2.85
N ASP B 172 -6.37 20.13 1.66
CA ASP B 172 -7.82 19.95 1.53
C ASP B 172 -8.21 18.49 1.40
N THR B 173 -7.25 17.64 1.09
CA THR B 173 -7.53 16.25 0.77
C THR B 173 -7.01 15.26 1.80
N LEU B 174 -5.70 15.14 1.91
CA LEU B 174 -5.10 14.18 2.85
C LEU B 174 -5.46 14.53 4.29
N VAL B 175 -6.09 15.68 4.46
CA VAL B 175 -6.43 16.19 5.79
C VAL B 175 -7.32 15.23 6.60
N HIS B 176 -8.37 14.71 5.97
CA HIS B 176 -9.27 13.77 6.63
C HIS B 176 -8.53 12.52 7.11
N GLU B 177 -7.68 11.97 6.22
CA GLU B 177 -6.84 10.84 6.60
C GLU B 177 -6.04 11.18 7.83
N ILE B 178 -5.30 12.28 7.78
CA ILE B 178 -4.47 12.73 8.89
C ILE B 178 -5.27 12.82 10.17
N ASP B 179 -6.52 13.27 10.06
CA ASP B 179 -7.40 13.37 11.21
C ASP B 179 -7.80 12.00 11.75
N VAL B 180 -8.48 11.21 10.93
CA VAL B 180 -9.05 9.95 11.38
C VAL B 180 -8.01 8.90 11.75
N LEU B 181 -6.88 8.91 11.04
CA LEU B 181 -5.86 7.90 11.27
C LEU B 181 -5.35 7.93 12.71
N HIS B 182 -4.94 9.11 13.18
CA HIS B 182 -4.42 9.22 14.54
C HIS B 182 -5.51 8.97 15.58
N TRP B 183 -6.75 9.31 15.24
CA TRP B 183 -7.87 8.99 16.12
C TRP B 183 -7.98 7.48 16.32
N LEU B 184 -7.92 6.74 15.21
CA LEU B 184 -8.06 5.29 15.22
C LEU B 184 -7.00 4.59 16.05
N VAL B 185 -5.73 4.86 15.74
CA VAL B 185 -4.61 4.18 16.38
C VAL B 185 -4.25 4.77 17.74
N ASN B 186 -4.80 5.94 18.04
CA ASN B 186 -4.55 6.58 19.33
C ASN B 186 -3.06 6.89 19.50
N ASP B 187 -2.49 7.57 18.52
CA ASP B 187 -1.06 7.87 18.52
C ASP B 187 -0.78 9.21 17.84
N ASP B 188 0.29 9.88 18.26
CA ASP B 188 0.70 11.14 17.66
C ASP B 188 1.73 10.87 16.59
N TYR B 189 1.72 11.68 15.54
CA TYR B 189 2.66 11.51 14.45
C TYR B 189 4.08 11.88 14.87
N GLU B 190 4.93 12.24 13.91
CA GLU B 190 6.32 12.53 14.22
C GLU B 190 7.09 13.04 13.01
N SER B 191 7.08 12.27 11.94
CA SER B 191 7.77 12.66 10.71
C SER B 191 6.88 12.47 9.49
N VAL B 192 7.09 13.30 8.47
CA VAL B 192 6.35 13.15 7.22
C VAL B 192 7.26 13.31 6.01
N GLN B 193 7.53 12.21 5.33
CA GLN B 193 8.27 12.26 4.08
C GLN B 193 7.29 12.31 2.93
N VAL B 194 7.74 12.86 1.80
CA VAL B 194 6.88 12.97 0.63
C VAL B 194 7.63 12.52 -0.62
N ILE B 195 7.00 11.65 -1.40
CA ILE B 195 7.62 11.05 -2.58
C ILE B 195 6.74 11.22 -3.80
N TYR B 196 7.28 11.83 -4.85
CA TYR B 196 6.52 12.08 -6.07
C TYR B 196 6.78 11.03 -7.14
N PRO B 197 5.79 10.19 -7.41
CA PRO B 197 5.94 9.19 -8.49
C PRO B 197 5.86 9.87 -9.84
N LYS B 198 6.20 9.11 -10.89
CA LYS B 198 6.01 9.54 -12.27
C LYS B 198 4.67 10.28 -12.38
N LYS B 199 4.70 11.47 -12.98
CA LYS B 199 3.50 12.30 -13.06
C LYS B 199 2.46 11.79 -14.07
N SER B 200 1.19 11.90 -13.71
CA SER B 200 0.09 11.41 -14.53
C SER B 200 -0.18 12.28 -15.75
N LYS B 201 -0.63 11.65 -16.82
CA LYS B 201 -0.99 12.36 -18.05
C LYS B 201 -2.29 13.13 -17.86
N ASN B 202 -3.05 12.76 -16.83
CA ASN B 202 -4.34 13.37 -16.56
C ASN B 202 -4.23 14.67 -15.77
N ALA B 203 -3.09 14.85 -15.11
CA ALA B 203 -2.86 16.02 -14.26
C ALA B 203 -2.34 17.21 -15.07
N LEU B 204 -2.70 18.41 -14.64
CA LEU B 204 -2.30 19.64 -15.30
C LEU B 204 -0.88 20.03 -14.91
N PRO B 205 -0.16 20.71 -15.83
CA PRO B 205 1.26 21.07 -15.71
C PRO B 205 1.68 21.58 -14.32
N HIS B 206 0.89 22.45 -13.72
CA HIS B 206 1.27 23.09 -12.47
C HIS B 206 1.07 22.18 -11.25
N LEU B 207 0.43 21.03 -11.47
CA LEU B 207 0.09 20.13 -10.38
C LEU B 207 1.01 18.92 -10.32
N LYS B 208 1.42 18.56 -9.10
CA LYS B 208 2.17 17.33 -8.87
C LYS B 208 1.22 16.22 -8.43
N ASP B 209 0.96 15.29 -9.35
CA ASP B 209 -0.05 14.26 -9.16
C ASP B 209 0.41 12.99 -9.88
N PRO B 210 0.51 11.87 -9.14
CA PRO B 210 0.11 11.66 -7.74
C PRO B 210 1.19 12.05 -6.75
N GLN B 211 0.96 11.70 -5.49
CA GLN B 211 1.94 11.90 -4.44
C GLN B 211 1.82 10.74 -3.46
N ILE B 212 2.89 10.46 -2.75
CA ILE B 212 2.86 9.47 -1.68
C ILE B 212 3.42 10.09 -0.40
N VAL B 213 2.75 9.84 0.71
CA VAL B 213 3.14 10.44 1.98
C VAL B 213 3.36 9.38 3.04
N VAL B 214 4.63 9.13 3.36
CA VAL B 214 4.96 8.24 4.46
C VAL B 214 4.84 9.03 5.76
N ILE B 215 4.40 8.38 6.82
CA ILE B 215 4.20 9.06 8.10
C ILE B 215 4.45 8.12 9.26
N GLU B 216 5.44 8.44 10.08
CA GLU B 216 5.71 7.65 11.27
C GLU B 216 5.09 8.31 12.50
N THR B 217 4.75 7.50 13.50
CA THR B 217 4.23 8.01 14.76
C THR B 217 5.18 7.64 15.88
N LYS B 218 4.96 8.22 17.06
CA LYS B 218 5.82 7.94 18.20
C LYS B 218 5.90 6.44 18.53
N GLY B 219 4.80 5.73 18.31
CA GLY B 219 4.75 4.30 18.58
C GLY B 219 5.57 3.48 17.62
N GLY B 220 5.67 3.93 16.39
CA GLY B 220 6.42 3.22 15.37
C GLY B 220 5.54 2.67 14.26
N ILE B 221 4.38 3.27 14.09
CA ILE B 221 3.45 2.87 13.04
C ILE B 221 3.78 3.63 11.76
N VAL B 222 3.92 2.88 10.66
CA VAL B 222 4.28 3.50 9.39
C VAL B 222 3.09 3.54 8.45
N ILE B 223 2.79 4.74 7.96
CA ILE B 223 1.63 4.98 7.11
C ILE B 223 2.06 5.50 5.76
N ASN B 224 1.84 4.73 4.71
CA ASN B 224 2.01 5.28 3.37
C ASN B 224 0.65 5.54 2.76
N ALA B 225 0.42 6.80 2.42
CA ALA B 225 -0.88 7.25 1.96
C ALA B 225 -0.81 7.75 0.53
N GLU B 226 -1.43 7.02 -0.39
CA GLU B 226 -1.47 7.46 -1.78
C GLU B 226 -2.49 8.58 -1.93
N ILE B 227 -2.13 9.60 -2.67
CA ILE B 227 -3.03 10.70 -2.98
C ILE B 227 -2.98 10.94 -4.49
N TYR B 228 -4.06 10.59 -5.17
CA TYR B 228 -4.12 10.69 -6.63
C TYR B 228 -5.47 11.26 -7.05
N VAL B 229 -5.51 12.52 -7.43
CA VAL B 229 -6.77 13.17 -7.69
C VAL B 229 -7.03 13.35 -9.15
N ASN B 230 -6.65 12.39 -9.95
CA ASN B 230 -6.94 12.48 -11.35
C ASN B 230 -6.96 11.07 -11.87
N CYS B 231 -7.42 10.15 -11.02
CA CYS B 231 -7.36 8.73 -11.31
C CYS B 231 -8.28 8.36 -12.43
N LYS B 232 -9.33 9.11 -12.59
CA LYS B 232 -10.17 8.95 -13.74
C LYS B 232 -11.26 7.94 -13.55
N TYR B 233 -10.97 6.81 -12.95
CA TYR B 233 -11.96 5.77 -12.86
C TYR B 233 -13.06 6.07 -11.88
N GLY B 234 -12.77 6.92 -10.90
CA GLY B 234 -13.78 7.31 -9.94
C GLY B 234 -13.25 7.93 -8.66
N TYR B 235 -14.12 8.02 -7.67
CA TYR B 235 -13.77 8.55 -6.36
C TYR B 235 -13.70 7.38 -5.38
N ASP B 236 -12.51 7.18 -4.81
CA ASP B 236 -12.24 5.95 -4.08
C ASP B 236 -11.41 6.24 -2.82
N ILE B 237 -11.85 5.71 -1.70
CA ILE B 237 -11.17 5.88 -0.42
C ILE B 237 -10.84 4.50 0.13
N GLN B 238 -9.55 4.20 0.27
CA GLN B 238 -9.11 2.91 0.76
C GLN B 238 -8.30 3.04 2.04
N CYS B 239 -8.45 2.07 2.93
CA CYS B 239 -7.64 2.06 4.15
C CYS B 239 -7.49 0.66 4.73
N GLU B 240 -6.26 0.17 4.74
CA GLU B 240 -5.94 -1.13 5.29
C GLU B 240 -5.02 -0.97 6.49
N ILE B 241 -5.26 -1.75 7.53
CA ILE B 241 -4.46 -1.64 8.75
C ILE B 241 -3.85 -2.98 9.15
N VAL B 242 -2.55 -3.12 8.90
CA VAL B 242 -1.85 -4.34 9.28
C VAL B 242 -1.51 -4.31 10.77
N GLY B 243 -1.83 -5.39 11.47
CA GLY B 243 -1.58 -5.51 12.89
C GLY B 243 -0.64 -6.66 13.18
N GLU B 244 -0.43 -6.96 14.46
CA GLU B 244 0.50 -8.02 14.82
C GLU B 244 0.01 -9.41 14.43
N ASP B 245 -1.30 -9.61 14.52
CA ASP B 245 -1.88 -10.94 14.38
C ASP B 245 -2.99 -11.01 13.32
N GLY B 246 -3.26 -9.89 12.66
CA GLY B 246 -4.30 -9.85 11.65
C GLY B 246 -4.40 -8.51 10.95
N ILE B 247 -5.25 -8.45 9.93
CA ILE B 247 -5.43 -7.25 9.14
C ILE B 247 -6.92 -6.89 9.01
N ILE B 248 -7.25 -5.61 9.17
CA ILE B 248 -8.62 -5.15 8.97
C ILE B 248 -8.62 -4.08 7.89
N LYS B 249 -9.72 -3.99 7.15
CA LYS B 249 -9.76 -3.11 6.00
C LYS B 249 -11.12 -2.43 5.82
N LEU B 250 -11.09 -1.21 5.32
CA LEU B 250 -12.31 -0.45 5.08
C LEU B 250 -13.09 -1.04 3.92
N PRO B 251 -14.41 -1.21 4.09
CA PRO B 251 -15.28 -1.77 3.06
C PRO B 251 -15.43 -0.85 1.87
N GLU B 252 -15.90 -1.40 0.76
CA GLU B 252 -16.32 -0.60 -0.39
C GLU B 252 -17.72 -0.08 -0.08
N PRO B 253 -18.10 1.05 -0.71
CA PRO B 253 -19.48 1.53 -0.57
C PRO B 253 -20.47 0.56 -1.22
N SER B 254 -21.45 0.07 -0.46
CA SER B 254 -22.42 -0.91 -0.95
C SER B 254 -22.86 -0.69 -2.38
N SER B 255 -22.92 -1.78 -3.14
CA SER B 255 -23.34 -1.74 -4.54
C SER B 255 -23.92 -3.09 -4.95
N ILE B 256 -24.68 -3.10 -6.03
CA ILE B 256 -25.22 -4.35 -6.56
C ILE B 256 -24.22 -4.94 -7.55
N SER B 257 -24.00 -6.25 -7.46
CA SER B 257 -23.11 -6.91 -8.41
C SER B 257 -23.83 -7.00 -9.76
N LEU B 258 -23.05 -7.05 -10.83
CA LEU B 258 -23.60 -7.18 -12.17
C LEU B 258 -22.76 -8.15 -13.02
N ARG B 259 -23.41 -9.16 -13.59
CA ARG B 259 -22.75 -10.03 -14.55
C ARG B 259 -23.22 -9.72 -15.95
N LYS B 260 -22.33 -9.14 -16.76
CA LYS B 260 -22.69 -8.75 -18.11
C LYS B 260 -21.43 -8.61 -18.95
N GLU B 261 -21.57 -8.76 -20.26
CA GLU B 261 -20.46 -8.64 -21.21
C GLU B 261 -19.10 -9.12 -20.67
N GLY B 262 -19.08 -10.34 -20.15
CA GLY B 262 -17.83 -10.96 -19.73
C GLY B 262 -17.19 -10.41 -18.49
N ARG B 263 -17.91 -9.59 -17.73
CA ARG B 263 -17.36 -9.02 -16.51
C ARG B 263 -18.29 -9.14 -15.30
N PHE B 264 -17.69 -9.34 -14.13
CA PHE B 264 -18.40 -9.39 -12.85
C PHE B 264 -18.01 -8.16 -12.05
N SER B 265 -18.92 -7.21 -11.92
CA SER B 265 -18.54 -5.90 -11.41
C SER B 265 -19.43 -5.34 -10.31
N THR B 266 -18.84 -4.44 -9.52
CA THR B 266 -19.60 -3.57 -8.65
C THR B 266 -19.40 -2.15 -9.13
N ASP B 267 -20.10 -1.20 -8.51
CA ASP B 267 -20.05 0.18 -8.96
C ASP B 267 -19.10 1.02 -8.13
N ILE B 268 -18.33 1.89 -8.81
CA ILE B 268 -17.48 2.85 -8.13
C ILE B 268 -18.06 4.25 -8.26
N LEU B 269 -18.19 4.94 -7.12
CA LEU B 269 -18.75 6.29 -7.10
C LEU B 269 -17.97 7.25 -7.99
N MET B 270 -18.61 8.34 -8.39
CA MET B 270 -17.95 9.32 -9.24
C MET B 270 -17.93 10.69 -8.58
N ASP B 271 -18.63 10.82 -7.45
CA ASP B 271 -18.78 12.11 -6.79
C ASP B 271 -18.52 12.03 -5.29
N TRP B 272 -17.48 12.73 -4.84
CA TRP B 272 -17.11 12.78 -3.43
C TRP B 272 -18.33 13.10 -2.56
N GLN B 273 -19.33 13.74 -3.15
CA GLN B 273 -20.54 14.10 -2.41
C GLN B 273 -21.25 12.86 -1.90
N ARG B 274 -21.43 11.87 -2.78
CA ARG B 274 -22.19 10.67 -2.44
C ARG B 274 -21.51 9.78 -1.39
N ARG B 275 -20.19 9.85 -1.33
CA ARG B 275 -19.43 8.91 -0.49
C ARG B 275 -19.73 8.98 1.01
N PHE B 276 -19.98 10.18 1.53
CA PHE B 276 -20.10 10.35 2.98
C PHE B 276 -21.37 11.06 3.44
N VAL B 277 -22.40 11.08 2.59
CA VAL B 277 -23.66 11.72 2.94
C VAL B 277 -24.19 11.32 4.33
N ALA B 278 -24.11 10.03 4.63
CA ALA B 278 -24.62 9.54 5.92
C ALA B 278 -23.80 10.07 7.08
N ALA B 279 -22.50 10.27 6.84
CA ALA B 279 -21.58 10.70 7.88
C ALA B 279 -21.88 12.12 8.34
N TYR B 280 -22.31 12.97 7.42
CA TYR B 280 -22.69 14.34 7.76
C TYR B 280 -23.90 14.33 8.69
N ASP B 281 -24.93 13.59 8.33
CA ASP B 281 -26.16 13.53 9.11
C ASP B 281 -25.89 13.08 10.54
N VAL B 282 -25.14 11.99 10.68
CA VAL B 282 -24.80 11.47 12.01
C VAL B 282 -23.99 12.51 12.76
N GLU B 283 -23.15 13.23 12.01
CA GLU B 283 -22.25 14.25 12.56
C GLU B 283 -23.01 15.39 13.22
N ILE B 284 -23.81 16.09 12.42
CA ILE B 284 -24.59 17.22 12.89
C ILE B 284 -25.54 16.80 14.01
N GLN B 285 -26.19 15.66 13.85
CA GLN B 285 -27.11 15.18 14.87
C GLN B 285 -26.40 14.99 16.20
N ASP B 286 -25.16 14.51 16.15
CA ASP B 286 -24.37 14.35 17.36
C ASP B 286 -24.08 15.70 17.99
N PHE B 287 -23.83 16.69 17.15
CA PHE B 287 -23.62 18.06 17.59
C PHE B 287 -24.83 18.54 18.37
N ILE B 288 -26.00 18.44 17.72
CA ILE B 288 -27.24 18.85 18.34
C ILE B 288 -27.51 18.08 19.62
N ASP B 289 -27.63 16.76 19.50
CA ASP B 289 -27.95 15.91 20.64
C ASP B 289 -26.96 16.11 21.80
N SER B 290 -25.69 16.30 21.47
CA SER B 290 -24.66 16.44 22.48
C SER B 290 -24.86 17.73 23.27
N ILE B 291 -25.30 18.78 22.58
CA ILE B 291 -25.55 20.07 23.20
C ILE B 291 -26.77 20.03 24.12
N GLN B 292 -27.84 19.41 23.65
CA GLN B 292 -29.09 19.37 24.41
C GLN B 292 -29.01 18.44 25.61
N LYS B 293 -28.26 17.35 25.48
CA LYS B 293 -28.20 16.34 26.53
C LYS B 293 -27.06 16.57 27.53
N LYS B 294 -25.98 17.21 27.08
CA LYS B 294 -24.77 17.31 27.90
C LYS B 294 -24.28 18.74 28.15
N GLY B 295 -24.83 19.70 27.42
CA GLY B 295 -24.43 21.09 27.56
C GLY B 295 -23.05 21.37 26.98
N GLU B 296 -22.60 20.48 26.09
CA GLU B 296 -21.31 20.67 25.41
C GLU B 296 -21.24 19.81 24.15
N VAL B 297 -20.15 19.96 23.39
CA VAL B 297 -19.98 19.21 22.17
C VAL B 297 -19.19 17.93 22.43
N SER B 298 -19.09 17.06 21.41
CA SER B 298 -18.44 15.77 21.60
C SER B 298 -17.50 15.34 20.48
N GLY B 299 -17.76 15.80 19.26
CA GLY B 299 -16.99 15.35 18.11
C GLY B 299 -15.50 15.61 18.14
N PRO B 300 -14.89 15.69 16.95
CA PRO B 300 -13.46 16.04 16.85
C PRO B 300 -13.16 17.37 17.53
N THR B 301 -12.31 17.35 18.55
CA THR B 301 -12.03 18.55 19.34
C THR B 301 -11.26 19.61 18.56
N ALA B 302 -11.06 20.76 19.20
CA ALA B 302 -10.29 21.85 18.60
C ALA B 302 -8.82 21.49 18.60
N TRP B 303 -8.41 20.68 19.57
CA TRP B 303 -7.05 20.18 19.66
C TRP B 303 -6.71 19.35 18.43
N ASP B 304 -7.66 18.53 18.00
CA ASP B 304 -7.49 17.69 16.82
C ASP B 304 -7.33 18.55 15.57
N GLY B 305 -8.11 19.61 15.48
CA GLY B 305 -8.01 20.54 14.37
C GLY B 305 -6.64 21.19 14.33
N TYR B 306 -6.01 21.28 15.50
CA TYR B 306 -4.66 21.82 15.62
C TYR B 306 -3.63 20.77 15.22
N ILE B 307 -3.84 19.54 15.67
CA ILE B 307 -3.01 18.42 15.26
C ILE B 307 -3.05 18.31 13.74
N ALA B 308 -4.19 18.66 13.18
CA ALA B 308 -4.33 18.72 11.73
C ALA B 308 -3.41 19.78 11.15
N ALA B 309 -3.50 21.00 11.69
CA ALA B 309 -2.75 22.14 11.17
C ALA B 309 -1.24 21.94 11.22
N VAL B 310 -0.77 21.34 12.30
CA VAL B 310 0.66 21.04 12.44
C VAL B 310 1.13 20.04 11.40
N THR B 311 0.57 18.83 11.47
CA THR B 311 0.91 17.77 10.53
C THR B 311 0.77 18.22 9.08
N THR B 312 -0.37 18.85 8.76
CA THR B 312 -0.63 19.31 7.41
C THR B 312 0.37 20.39 6.99
N ASP B 313 1.21 20.81 7.91
CA ASP B 313 2.26 21.79 7.63
C ASP B 313 3.56 21.09 7.28
N ALA B 314 3.95 20.14 8.12
CA ALA B 314 5.15 19.34 7.88
C ALA B 314 5.09 18.69 6.51
N CYS B 315 3.87 18.44 6.03
CA CYS B 315 3.66 17.81 4.74
C CYS B 315 3.97 18.78 3.60
N VAL B 316 3.45 20.00 3.71
CA VAL B 316 3.70 21.02 2.71
C VAL B 316 5.18 21.42 2.71
N LYS B 317 5.85 21.14 3.82
CA LYS B 317 7.27 21.42 3.93
C LYS B 317 8.07 20.37 3.19
N ALA B 318 7.64 19.12 3.31
CA ALA B 318 8.32 18.01 2.65
C ALA B 318 8.04 17.99 1.15
N GLN B 319 7.06 18.77 0.74
CA GLN B 319 6.71 18.86 -0.68
C GLN B 319 7.77 19.61 -1.47
N GLU B 320 8.41 20.59 -0.82
CA GLU B 320 9.51 21.32 -1.43
C GLU B 320 10.83 20.67 -1.06
N SER B 321 10.98 20.42 0.25
CA SER B 321 12.18 19.81 0.81
C SER B 321 12.61 18.54 0.09
N GLY B 322 11.77 17.51 0.17
CA GLY B 322 12.12 16.20 -0.34
C GLY B 322 12.79 15.37 0.74
N GLN B 323 12.78 15.89 1.96
CA GLN B 323 13.42 15.23 3.09
C GLN B 323 12.42 14.82 4.17
N LYS B 324 12.90 14.09 5.17
CA LYS B 324 12.07 13.62 6.28
C LYS B 324 11.79 14.75 7.27
N GLU B 325 10.84 15.62 6.91
CA GLU B 325 10.44 16.73 7.78
C GLU B 325 9.96 16.23 9.14
N LYS B 326 9.93 17.14 10.11
CA LYS B 326 9.58 16.77 11.47
C LYS B 326 8.23 17.36 11.86
N VAL B 327 7.51 16.63 12.70
CA VAL B 327 6.23 17.09 13.21
C VAL B 327 6.35 17.32 14.71
N GLU B 328 6.32 18.60 15.10
CA GLU B 328 6.50 18.98 16.50
C GLU B 328 5.19 19.44 17.11
N LEU B 329 4.81 18.80 18.20
CA LEU B 329 3.53 19.10 18.84
C LEU B 329 3.68 19.53 20.29
N LYS B 330 3.06 20.64 20.63
CA LYS B 330 3.00 21.08 22.02
C LYS B 330 2.24 20.03 22.82
N GLU B 331 2.70 19.76 24.04
CA GLU B 331 2.07 18.73 24.87
C GLU B 331 0.56 18.92 24.95
N LYS B 332 -0.16 17.81 25.00
CA LYS B 332 -1.61 17.82 25.11
C LYS B 332 -2.02 18.40 26.46
N PRO B 333 -2.87 19.44 26.44
CA PRO B 333 -3.38 20.09 27.66
C PRO B 333 -4.31 19.18 28.45
N GLU B 334 -4.27 19.28 29.77
CA GLU B 334 -5.11 18.45 30.63
C GLU B 334 -6.57 18.53 30.22
N PHE B 335 -6.96 19.72 29.77
CA PHE B 335 -8.33 19.98 29.35
C PHE B 335 -8.89 18.88 28.44
N TYR B 336 -8.01 18.24 27.67
CA TYR B 336 -8.45 17.30 26.64
C TYR B 336 -8.16 15.82 26.92
N GLN B 337 -8.12 15.46 28.21
CA GLN B 337 -8.07 14.07 28.66
C GLN B 337 -7.39 13.93 30.02
PA NAI C . 18.31 -28.12 1.17
O1A NAI C . 18.99 -27.43 2.33
O2A NAI C . 17.06 -28.83 1.63
O5B NAI C . 19.31 -29.11 0.62
C5B NAI C . 20.20 -28.69 -0.41
C4B NAI C . 21.04 -29.90 -0.78
O4B NAI C . 22.09 -29.61 -1.69
C3B NAI C . 21.71 -30.50 0.45
O3B NAI C . 21.34 -31.86 0.60
C2B NAI C . 23.20 -30.39 0.19
O2B NAI C . 23.82 -31.58 0.66
C1B NAI C . 23.30 -30.23 -1.32
N9A NAI C . 24.49 -29.45 -1.73
C8A NAI C . 25.04 -28.38 -1.12
N7A NAI C . 26.11 -27.92 -1.82
C5A NAI C . 26.25 -28.70 -2.90
C6A NAI C . 27.16 -28.77 -4.05
N6A NAI C . 28.20 -27.84 -4.16
N1A NAI C . 26.98 -29.73 -4.96
C2A NAI C . 25.98 -30.63 -4.86
N3A NAI C . 25.11 -30.62 -3.84
C4A NAI C . 25.19 -29.71 -2.84
O3 NAI C . 18.12 -27.09 0.07
PN NAI C . 16.88 -26.75 -0.70
O1N NAI C . 15.70 -26.59 0.23
O2N NAI C . 16.65 -27.85 -1.71
O5D NAI C . 17.16 -25.44 -1.40
C5D NAI C . 18.10 -25.35 -2.49
C4D NAI C . 18.48 -23.92 -2.85
O4D NAI C . 17.55 -23.31 -3.74
C3D NAI C . 18.56 -22.98 -1.66
O3D NAI C . 19.72 -22.16 -1.74
C2D NAI C . 17.31 -22.12 -1.72
O2D NAI C . 17.58 -20.82 -1.20
C1D NAI C . 16.90 -22.15 -3.19
N1N NAI C . 15.45 -22.16 -3.45
C2N NAI C . 14.94 -21.64 -4.58
C3N NAI C . 13.55 -21.47 -4.73
C7N NAI C . 12.93 -20.52 -5.74
O7N NAI C . 11.71 -20.38 -5.71
N7N NAI C . 13.67 -19.84 -6.62
C4N NAI C . 12.71 -22.10 -3.81
C5N NAI C . 13.25 -22.68 -2.68
C6N NAI C . 14.63 -22.63 -2.49
C1 INS D . 10.00 -19.90 -0.74
C2 INS D . 10.01 -18.61 -1.57
C3 INS D . 9.11 -17.51 -1.02
C4 INS D . 9.27 -17.41 0.49
C5 INS D . 8.96 -18.73 1.14
C6 INS D . 10.08 -19.65 0.77
O1 INS D . 11.11 -20.72 -1.14
O2 INS D . 11.35 -18.09 -1.66
O3 INS D . 9.49 -16.26 -1.62
O4 INS D . 8.38 -16.46 1.05
O5 INS D . 8.92 -18.55 2.55
O6 INS D . 9.96 -20.87 1.52
PA NAI E . -17.73 28.01 -0.73
O1A NAI E . -16.82 29.01 -1.35
O2A NAI E . -18.95 27.79 -1.60
O5B NAI E . -18.15 28.59 0.59
C5B NAI E . -17.73 29.90 0.93
C4B NAI E . -18.96 30.78 0.90
O4B NAI E . -19.14 31.48 2.13
C3B NAI E . -18.89 31.85 -0.17
O3B NAI E . -20.09 31.86 -0.94
C2B NAI E . -18.73 33.17 0.56
O2B NAI E . -19.61 34.12 -0.03
C1B NAI E . -19.09 32.89 2.01
N9A NAI E . -18.11 33.46 2.97
C8A NAI E . -16.76 33.42 2.88
N7A NAI E . -16.20 34.00 3.97
C5A NAI E . -17.18 34.42 4.76
C6A NAI E . -17.29 35.11 6.06
N6A NAI E . -16.14 35.47 6.73
N1A NAI E . -18.51 35.37 6.56
C2A NAI E . -19.64 35.01 5.91
N3A NAI E . -19.61 34.37 4.71
C4A NAI E . -18.45 34.06 4.11
O3 NAI E . -16.92 26.77 -0.47
PN NAI E . -17.41 25.43 0.02
O1N NAI E . -16.60 24.32 -0.57
O2N NAI E . -18.88 25.32 -0.34
O5D NAI E . -17.25 25.38 1.54
C5D NAI E . -16.40 26.27 2.24
C4D NAI E . -15.68 25.58 3.39
O4D NAI E . -16.16 24.25 3.58
C3D NAI E . -14.18 25.42 3.17
O3D NAI E . -13.48 25.64 4.39
C2D NAI E . -14.00 23.99 2.70
O2D NAI E . -12.71 23.53 3.09
C1D NAI E . -15.15 23.25 3.40
N1N NAI E . -15.67 22.06 2.71
C2N NAI E . -15.97 20.94 3.39
C3N NAI E . -16.09 19.72 2.71
C7N NAI E . -15.73 18.40 3.35
O7N NAI E . -15.81 17.39 2.66
N7N NAI E . -15.29 18.29 4.61
C4N NAI E . -16.34 19.77 1.34
C5N NAI E . -16.16 20.96 0.66
C6N NAI E . -15.71 22.06 1.36
C1 INS F . -14.35 16.52 -0.46
C2 INS F . -13.65 15.75 0.67
C3 INS F . -12.66 14.69 0.19
C4 INS F . -11.84 15.23 -0.97
C5 INS F . -12.75 15.68 -2.08
C6 INS F . -13.43 16.93 -1.60
O1 INS F . -14.99 17.68 0.07
O2 INS F . -12.92 16.65 1.53
O3 INS F . -11.80 14.38 1.31
O4 INS F . -11.01 14.23 -1.55
O5 INS F . -11.96 15.98 -3.23
O6 INS F . -14.15 17.50 -2.70
#